data_7H8T
#
_entry.id   7H8T
#
_cell.length_a   87.407
_cell.length_b   87.407
_cell.length_c   85.716
_cell.angle_alpha   90.00
_cell.angle_beta   90.00
_cell.angle_gamma   120.00
#
_symmetry.space_group_name_H-M   'P 31'
#
loop_
_entity.id
_entity.type
_entity.pdbx_description
1 polymer 'Non-structural protein 3'
2 non-polymer 'DIMETHYL SULFOXIDE'
3 non-polymer 2-AMINO-2-HYDROXYMETHYL-PROPANE-1,3-DIOL
4 non-polymer 'CHLORIDE ION'
5 non-polymer 1-(propan-2-yl)-1H-1,3-benzimidazol-2-amine
6 water water
#
_entity_poly.entity_id   1
_entity_poly.type   'polypeptide(L)'
_entity_poly.pdbx_seq_one_letter_code
;GAMAPSYRVKRMDIAKNDEECVVNAANPRGLPGDGVCKAVYKKWPESFKNSATPVGTAKTVMCGTYPVIHAVGPNFSNYT
ESEGDRELAAAYREVAKEVTRLGVNSVAIPLLSTGVYSGGKDRLTQSLNHLFTAMDSTDADVVIYCRDKEWEKKISEAIQ
MRT
;
_entity_poly.pdbx_strand_id   A,B,C,D
#
loop_
_chem_comp.id
_chem_comp.type
_chem_comp.name
_chem_comp.formula
A1AQI non-polymer 1-(propan-2-yl)-1H-1,3-benzimidazol-2-amine 'C10 H13 N3'
CL non-polymer 'CHLORIDE ION' 'Cl -1'
DMS non-polymer 'DIMETHYL SULFOXIDE' 'C2 H6 O S'
TRS non-polymer 2-AMINO-2-HYDROXYMETHYL-PROPANE-1,3-DIOL 'C4 H12 N O3 1'
#
# COMPACT_ATOMS: atom_id res chain seq x y z
N GLY A 1 23.64 5.68 -2.63
CA GLY A 1 24.42 4.37 -2.64
C GLY A 1 24.39 3.70 -1.28
N ALA A 2 24.66 2.40 -1.24
CA ALA A 2 24.85 1.66 0.04
C ALA A 2 26.20 2.05 0.65
N MET A 3 26.36 2.04 1.99
CA MET A 3 27.63 2.47 2.64
C MET A 3 28.79 1.53 2.26
N ALA A 4 28.50 0.23 2.10
CA ALA A 4 29.50 -0.79 1.73
C ALA A 4 28.84 -1.78 0.77
N PRO A 5 28.65 -1.37 -0.50
CA PRO A 5 27.85 -2.16 -1.43
C PRO A 5 28.23 -3.66 -1.40
N SER A 6 27.24 -4.55 -1.35
CA SER A 6 27.44 -5.99 -1.12
C SER A 6 26.60 -6.79 -2.11
N TYR A 7 26.92 -8.06 -2.23
CA TYR A 7 26.05 -9.09 -2.83
C TYR A 7 25.63 -10.07 -1.76
N ARG A 8 24.38 -10.51 -1.81
CA ARG A 8 23.86 -11.56 -0.93
C ARG A 8 22.93 -12.44 -1.73
N VAL A 9 22.66 -13.65 -1.23
CA VAL A 9 21.73 -14.59 -1.88
C VAL A 9 20.73 -15.06 -0.83
N LYS A 10 19.45 -15.11 -1.18
CA LYS A 10 18.40 -15.69 -0.33
C LYS A 10 17.54 -16.69 -1.12
N ARG A 11 17.13 -17.77 -0.46
CA ARG A 11 16.28 -18.81 -1.06
C ARG A 11 14.85 -18.62 -0.54
N MET A 12 14.07 -17.84 -1.30
CA MET A 12 12.68 -17.49 -0.93
C MET A 12 12.04 -16.78 -2.13
N ASP A 13 10.73 -16.60 -2.04
CA ASP A 13 9.92 -15.84 -3.02
C ASP A 13 10.36 -14.37 -3.08
N ILE A 14 10.82 -13.95 -4.27
CA ILE A 14 11.25 -12.53 -4.54
C ILE A 14 10.09 -11.55 -4.32
N ALA A 15 8.83 -11.99 -4.39
CA ALA A 15 7.66 -11.16 -4.01
C ALA A 15 7.64 -10.76 -2.53
N LYS A 16 8.44 -11.38 -1.65
CA LYS A 16 8.58 -11.07 -0.21
C LYS A 16 9.92 -10.36 0.05
N ASN A 17 10.57 -9.78 -0.97
CA ASN A 17 11.90 -9.14 -0.78
C ASN A 17 11.85 -7.96 0.22
N ASP A 18 13.01 -7.65 0.77
CA ASP A 18 13.27 -6.54 1.71
C ASP A 18 14.16 -5.49 1.07
N GLU A 19 14.06 -5.31 -0.25
CA GLU A 19 14.88 -4.32 -0.98
C GLU A 19 14.00 -3.14 -1.49
N GLU A 20 14.63 -2.11 -2.00
CA GLU A 20 13.96 -0.84 -2.41
C GLU A 20 13.32 -0.95 -3.82
N CYS A 21 13.65 -2.00 -4.58
CA CYS A 21 13.03 -2.29 -5.88
C CYS A 21 13.27 -3.73 -6.24
N VAL A 22 12.51 -4.20 -7.24
CA VAL A 22 12.54 -5.61 -7.69
C VAL A 22 12.78 -5.67 -9.19
N VAL A 23 13.52 -6.68 -9.63
CA VAL A 23 13.67 -7.02 -11.07
C VAL A 23 12.75 -8.21 -11.34
N ASN A 24 11.85 -8.05 -12.28
CA ASN A 24 10.99 -9.13 -12.78
C ASN A 24 11.72 -9.85 -13.91
N ALA A 25 11.71 -11.17 -13.87
CA ALA A 25 12.10 -12.01 -15.04
C ALA A 25 10.92 -12.06 -16.00
N ALA A 26 10.75 -11.01 -16.78
CA ALA A 26 9.55 -10.71 -17.59
C ALA A 26 9.57 -11.46 -18.93
N ASN A 27 8.36 -11.54 -19.52
CA ASN A 27 8.25 -11.87 -20.95
C ASN A 27 8.14 -10.59 -21.77
N PRO A 28 8.44 -10.64 -23.08
CA PRO A 28 8.43 -9.42 -23.89
C PRO A 28 7.06 -8.73 -24.01
N ARG A 29 5.98 -9.47 -23.75
CA ARG A 29 4.62 -8.95 -24.00
C ARG A 29 3.96 -8.39 -22.76
N GLY A 30 4.67 -8.32 -21.64
CA GLY A 30 4.02 -7.81 -20.41
C GLY A 30 2.89 -8.68 -19.93
N LEU A 31 2.91 -10.00 -20.20
CA LEU A 31 1.84 -10.93 -19.75
C LEU A 31 2.16 -11.46 -18.36
N PRO A 32 1.15 -11.88 -17.57
CA PRO A 32 1.40 -12.46 -16.24
C PRO A 32 2.42 -13.58 -16.21
N GLY A 33 2.46 -14.46 -17.23
CA GLY A 33 3.54 -15.45 -17.37
C GLY A 33 3.48 -16.53 -16.31
N ASP A 34 4.61 -17.16 -16.01
CA ASP A 34 4.68 -18.20 -14.95
C ASP A 34 5.98 -18.01 -14.15
N GLY A 35 6.11 -18.74 -13.05
CA GLY A 35 7.29 -18.67 -12.16
C GLY A 35 7.44 -17.31 -11.49
N VAL A 36 8.65 -16.74 -11.51
CA VAL A 36 8.93 -15.41 -10.92
C VAL A 36 7.92 -14.40 -11.47
N CYS A 37 7.70 -14.39 -12.79
CA CYS A 37 6.83 -13.37 -13.43
C CYS A 37 5.41 -13.43 -12.82
N LYS A 38 4.86 -14.63 -12.60
CA LYS A 38 3.49 -14.76 -12.04
C LYS A 38 3.46 -14.30 -10.57
N ALA A 39 4.52 -14.56 -9.80
CA ALA A 39 4.57 -14.12 -8.37
C ALA A 39 4.58 -12.58 -8.37
N VAL A 40 5.36 -12.01 -9.29
CA VAL A 40 5.50 -10.53 -9.43
C VAL A 40 4.13 -9.97 -9.85
N TYR A 41 3.43 -10.63 -10.79
CA TYR A 41 2.09 -10.16 -11.22
C TYR A 41 1.10 -10.16 -10.05
N LYS A 42 1.13 -11.19 -9.19
CA LYS A 42 0.18 -11.25 -8.05
C LYS A 42 0.48 -10.15 -7.02
N LYS A 43 1.76 -9.80 -6.83
CA LYS A 43 2.18 -8.85 -5.78
C LYS A 43 2.07 -7.40 -6.28
N TRP A 44 2.41 -7.13 -7.53
CA TRP A 44 2.50 -5.77 -8.10
C TRP A 44 1.76 -5.72 -9.43
N PRO A 45 0.47 -6.08 -9.53
CA PRO A 45 -0.17 -6.14 -10.86
C PRO A 45 -0.23 -4.79 -11.59
N GLU A 46 -0.27 -3.69 -10.84
CA GLU A 46 -0.31 -2.32 -11.38
C GLU A 46 0.95 -2.05 -12.22
N SER A 47 2.06 -2.77 -11.94
CA SER A 47 3.34 -2.54 -12.62
C SER A 47 3.34 -3.14 -14.04
N PHE A 48 2.27 -3.82 -14.43
CA PHE A 48 2.23 -4.45 -15.77
C PHE A 48 1.47 -3.56 -16.77
N LYS A 49 1.12 -2.34 -16.38
CA LYS A 49 0.62 -1.31 -17.35
C LYS A 49 1.73 -0.90 -18.32
N ASN A 50 1.61 -1.26 -19.61
CA ASN A 50 2.60 -0.85 -20.63
C ASN A 50 4.02 -1.30 -20.22
N SER A 51 4.13 -2.52 -19.72
CA SER A 51 5.45 -3.13 -19.38
C SER A 51 6.08 -3.92 -20.54
N ALA A 52 5.38 -4.19 -21.62
CA ALA A 52 5.95 -4.90 -22.78
C ALA A 52 7.20 -4.19 -23.30
N THR A 53 8.26 -4.94 -23.60
CA THR A 53 9.58 -4.42 -24.00
C THR A 53 10.33 -5.56 -24.68
N PRO A 54 11.25 -5.27 -25.60
CA PRO A 54 11.90 -6.35 -26.35
C PRO A 54 12.89 -7.17 -25.54
N VAL A 55 13.28 -8.30 -26.09
CA VAL A 55 14.37 -9.13 -25.51
C VAL A 55 15.63 -8.26 -25.39
N GLY A 56 16.36 -8.46 -24.28
CA GLY A 56 17.64 -7.77 -24.06
C GLY A 56 17.47 -6.37 -23.46
N THR A 57 16.26 -5.98 -23.09
CA THR A 57 15.94 -4.65 -22.52
C THR A 57 15.27 -4.76 -21.17
N ALA A 58 15.19 -3.62 -20.47
CA ALA A 58 14.49 -3.53 -19.19
C ALA A 58 13.64 -2.27 -19.24
N LYS A 59 12.47 -2.38 -18.67
CA LYS A 59 11.48 -1.28 -18.63
C LYS A 59 10.93 -1.20 -17.22
N THR A 60 11.05 -0.04 -16.57
CA THR A 60 10.57 0.14 -15.19
C THR A 60 9.16 0.72 -15.20
N VAL A 61 8.30 0.16 -14.39
CA VAL A 61 6.93 0.66 -14.12
C VAL A 61 6.74 0.66 -12.62
N MET A 62 6.21 1.77 -12.10
N MET A 62 6.25 1.79 -12.10
CA MET A 62 6.01 2.02 -10.65
CA MET A 62 5.97 1.97 -10.66
C MET A 62 4.70 1.35 -10.20
C MET A 62 4.71 1.18 -10.28
N CYS A 63 4.73 0.63 -9.07
CA CYS A 63 3.53 0.14 -8.36
C CYS A 63 3.46 1.02 -7.11
N GLY A 64 2.61 2.07 -7.12
CA GLY A 64 2.72 3.10 -6.08
C GLY A 64 4.01 3.86 -6.26
N THR A 65 4.92 3.86 -5.29
CA THR A 65 6.26 4.39 -5.42
C THR A 65 7.30 3.26 -5.50
N TYR A 66 6.87 2.00 -5.57
CA TYR A 66 7.81 0.85 -5.53
C TYR A 66 8.18 0.48 -6.98
N PRO A 67 9.45 0.59 -7.43
CA PRO A 67 9.80 0.34 -8.83
C PRO A 67 9.92 -1.15 -9.15
N VAL A 68 9.24 -1.57 -10.24
CA VAL A 68 9.37 -2.94 -10.78
C VAL A 68 10.10 -2.83 -12.10
N ILE A 69 11.32 -3.40 -12.18
CA ILE A 69 12.16 -3.30 -13.40
C ILE A 69 11.88 -4.61 -14.18
N HIS A 70 11.16 -4.52 -15.28
CA HIS A 70 10.84 -5.70 -16.12
C HIS A 70 12.01 -5.96 -17.04
N ALA A 71 12.79 -6.99 -16.77
CA ALA A 71 14.00 -7.37 -17.54
C ALA A 71 13.70 -8.64 -18.37
N VAL A 72 13.87 -8.54 -19.69
CA VAL A 72 13.47 -9.64 -20.63
C VAL A 72 14.72 -10.36 -21.11
N GLY A 73 15.00 -11.50 -20.50
CA GLY A 73 16.07 -12.39 -20.96
C GLY A 73 15.58 -13.19 -22.16
N PRO A 74 16.50 -13.70 -22.95
CA PRO A 74 16.20 -14.56 -24.11
C PRO A 74 15.71 -15.94 -23.67
N ASN A 75 14.79 -16.47 -24.50
CA ASN A 75 14.38 -17.90 -24.36
C ASN A 75 15.32 -18.73 -25.22
N PHE A 76 16.20 -19.50 -24.62
CA PHE A 76 17.25 -20.30 -25.29
C PHE A 76 16.61 -21.42 -26.14
N SER A 77 15.33 -21.65 -26.00
CA SER A 77 14.62 -22.54 -26.97
C SER A 77 14.67 -21.91 -28.37
N ASN A 78 14.69 -20.59 -28.49
CA ASN A 78 14.51 -19.86 -29.77
C ASN A 78 15.79 -19.27 -30.28
N TYR A 79 16.65 -18.79 -29.39
CA TYR A 79 17.94 -18.16 -29.73
C TYR A 79 19.01 -19.25 -29.87
N THR A 80 19.98 -19.00 -30.73
CA THR A 80 21.27 -19.73 -30.74
C THR A 80 21.98 -19.49 -29.40
N GLU A 81 22.86 -20.39 -28.96
CA GLU A 81 23.70 -20.15 -27.75
C GLU A 81 24.40 -18.79 -27.86
N SER A 82 24.96 -18.47 -29.02
CA SER A 82 25.73 -17.23 -29.26
C SER A 82 24.84 -15.98 -29.12
N GLU A 83 23.71 -15.94 -29.82
CA GLU A 83 22.82 -14.75 -29.80
C GLU A 83 22.15 -14.63 -28.42
N GLY A 84 21.76 -15.75 -27.85
CA GLY A 84 21.14 -15.79 -26.52
C GLY A 84 22.10 -15.25 -25.48
N ASP A 85 23.35 -15.66 -25.57
CA ASP A 85 24.37 -15.18 -24.61
C ASP A 85 24.45 -13.66 -24.70
N ARG A 86 24.48 -13.08 -25.91
CA ARG A 86 24.56 -11.62 -26.14
C ARG A 86 23.32 -10.91 -25.53
N GLU A 87 22.13 -11.44 -25.75
CA GLU A 87 20.90 -10.78 -25.29
C GLU A 87 20.83 -10.88 -23.76
N LEU A 88 21.32 -11.98 -23.16
CA LEU A 88 21.23 -12.17 -21.70
C LEU A 88 22.19 -11.15 -21.02
N ALA A 89 23.40 -11.02 -21.54
CA ALA A 89 24.32 -9.95 -21.09
C ALA A 89 23.66 -8.57 -21.20
N ALA A 90 23.03 -8.26 -22.36
CA ALA A 90 22.43 -6.95 -22.60
C ALA A 90 21.30 -6.68 -21.58
N ALA A 91 20.43 -7.66 -21.30
CA ALA A 91 19.31 -7.44 -20.35
C ALA A 91 19.88 -6.98 -19.00
N TYR A 92 20.95 -7.64 -18.51
CA TYR A 92 21.52 -7.22 -17.22
C TYR A 92 22.15 -5.82 -17.30
N ARG A 93 22.83 -5.48 -18.40
CA ARG A 93 23.35 -4.08 -18.57
C ARG A 93 22.19 -3.08 -18.44
N GLU A 94 21.01 -3.34 -19.04
CA GLU A 94 19.86 -2.41 -18.95
C GLU A 94 19.35 -2.39 -17.50
N VAL A 95 19.39 -3.48 -16.76
CA VAL A 95 19.00 -3.48 -15.33
C VAL A 95 19.94 -2.52 -14.57
N ALA A 96 21.23 -2.62 -14.80
CA ALA A 96 22.19 -1.73 -14.08
C ALA A 96 21.87 -0.25 -14.36
N LYS A 97 21.56 0.12 -15.60
CA LYS A 97 21.19 1.50 -15.98
C LYS A 97 19.95 1.93 -15.18
N GLU A 98 18.92 1.09 -15.13
CA GLU A 98 17.68 1.44 -14.41
C GLU A 98 17.92 1.60 -12.92
N VAL A 99 18.62 0.66 -12.30
CA VAL A 99 18.92 0.69 -10.85
C VAL A 99 19.64 2.02 -10.56
N THR A 100 20.58 2.38 -11.43
CA THR A 100 21.34 3.65 -11.22
C THR A 100 20.42 4.85 -11.35
N ARG A 101 19.61 4.91 -12.41
CA ARG A 101 18.69 6.03 -12.68
C ARG A 101 17.72 6.22 -11.50
N LEU A 102 17.24 5.14 -10.88
CA LEU A 102 16.20 5.18 -9.84
C LEU A 102 16.81 5.74 -8.52
N GLY A 103 18.12 5.61 -8.34
CA GLY A 103 18.81 6.11 -7.13
C GLY A 103 18.50 5.26 -5.91
N VAL A 104 18.07 4.00 -6.10
CA VAL A 104 17.83 3.06 -4.98
C VAL A 104 19.16 2.66 -4.30
N ASN A 105 19.09 2.30 -3.03
CA ASN A 105 20.25 1.75 -2.29
C ASN A 105 20.26 0.22 -2.31
N SER A 106 19.22 -0.44 -2.82
CA SER A 106 19.15 -1.93 -2.81
C SER A 106 18.22 -2.40 -3.92
N VAL A 107 18.43 -3.61 -4.42
CA VAL A 107 17.63 -4.23 -5.50
C VAL A 107 17.59 -5.74 -5.28
N ALA A 108 16.42 -6.33 -5.45
CA ALA A 108 16.15 -7.79 -5.44
C ALA A 108 16.17 -8.26 -6.91
N ILE A 109 16.96 -9.28 -7.22
N ILE A 109 17.04 -9.23 -7.24
CA ILE A 109 17.18 -9.73 -8.63
CA ILE A 109 17.24 -9.72 -8.64
C ILE A 109 17.19 -11.25 -8.74
C ILE A 109 17.11 -11.25 -8.68
N PRO A 110 16.40 -11.80 -9.69
CA PRO A 110 16.44 -13.23 -10.00
C PRO A 110 17.50 -13.51 -11.07
N LEU A 111 17.89 -14.79 -11.25
CA LEU A 111 18.85 -15.13 -12.34
C LEU A 111 18.05 -15.30 -13.64
N LEU A 112 18.18 -14.34 -14.55
CA LEU A 112 17.45 -14.32 -15.83
C LEU A 112 17.82 -15.55 -16.65
N SER A 113 16.82 -16.06 -17.39
CA SER A 113 16.94 -17.16 -18.38
C SER A 113 17.40 -18.48 -17.73
N THR A 114 17.17 -18.72 -16.43
CA THR A 114 17.59 -19.98 -15.75
C THR A 114 16.43 -20.97 -15.55
N GLY A 115 15.20 -20.55 -15.76
CA GLY A 115 13.97 -21.38 -15.61
C GLY A 115 13.46 -21.85 -16.97
N VAL A 116 12.19 -21.53 -17.25
CA VAL A 116 11.47 -21.90 -18.51
C VAL A 116 12.22 -21.40 -19.75
N TYR A 117 13.02 -20.34 -19.63
CA TYR A 117 13.77 -19.76 -20.77
C TYR A 117 15.18 -20.37 -20.91
N SER A 118 15.53 -21.40 -20.11
CA SER A 118 16.91 -21.98 -20.10
C SER A 118 17.15 -22.94 -21.28
N GLY A 119 16.12 -23.25 -22.06
CA GLY A 119 16.25 -24.27 -23.13
C GLY A 119 16.75 -25.60 -22.57
N GLY A 120 16.38 -25.89 -21.32
CA GLY A 120 16.63 -27.16 -20.59
C GLY A 120 18.06 -27.37 -20.10
N LYS A 121 18.86 -26.29 -20.05
CA LYS A 121 20.28 -26.32 -19.62
C LYS A 121 20.41 -25.66 -18.24
N ASP A 122 21.50 -26.00 -17.54
CA ASP A 122 21.89 -25.34 -16.27
C ASP A 122 22.66 -24.09 -16.67
N ARG A 123 22.11 -22.90 -16.40
CA ARG A 123 22.74 -21.64 -16.79
C ARG A 123 23.05 -20.79 -15.54
N LEU A 124 23.18 -21.40 -14.36
CA LEU A 124 23.52 -20.67 -13.11
C LEU A 124 24.76 -19.83 -13.37
N THR A 125 25.89 -20.44 -13.74
CA THR A 125 27.18 -19.71 -13.89
C THR A 125 27.07 -18.64 -14.97
N GLN A 126 26.48 -18.98 -16.12
CA GLN A 126 26.39 -18.04 -17.28
C GLN A 126 25.58 -16.79 -16.83
N SER A 127 24.44 -17.03 -16.21
CA SER A 127 23.52 -15.91 -15.87
C SER A 127 24.13 -15.08 -14.72
N LEU A 128 24.66 -15.75 -13.69
CA LEU A 128 25.28 -15.04 -12.54
C LEU A 128 26.46 -14.21 -13.02
N ASN A 129 27.30 -14.71 -13.92
CA ASN A 129 28.50 -13.97 -14.37
C ASN A 129 28.05 -12.73 -15.14
N HIS A 130 26.99 -12.82 -15.95
CA HIS A 130 26.48 -11.61 -16.64
C HIS A 130 25.89 -10.62 -15.62
N LEU A 131 25.25 -11.12 -14.58
CA LEU A 131 24.71 -10.28 -13.48
C LEU A 131 25.89 -9.50 -12.87
N PHE A 132 26.95 -10.20 -12.49
CA PHE A 132 28.12 -9.51 -11.88
C PHE A 132 28.72 -8.50 -12.85
N THR A 133 28.92 -8.82 -14.14
CA THR A 133 29.53 -7.90 -15.11
C THR A 133 28.77 -6.56 -15.14
N ALA A 134 27.43 -6.62 -15.09
CA ALA A 134 26.57 -5.43 -15.15
C ALA A 134 26.58 -4.70 -13.82
N MET A 135 26.41 -5.41 -12.71
CA MET A 135 26.09 -4.80 -11.42
C MET A 135 27.35 -4.38 -10.65
N ASP A 136 28.52 -4.87 -11.04
CA ASP A 136 29.73 -4.59 -10.23
C ASP A 136 30.03 -3.09 -10.17
N SER A 137 29.70 -2.31 -11.18
CA SER A 137 29.99 -0.86 -11.20
C SER A 137 28.88 -0.06 -10.54
N THR A 138 27.80 -0.71 -10.07
CA THR A 138 26.73 -0.02 -9.32
C THR A 138 27.05 -0.03 -7.82
N ASP A 139 26.47 0.89 -7.04
CA ASP A 139 26.70 0.89 -5.58
C ASP A 139 25.43 0.51 -4.80
N ALA A 140 24.44 -0.12 -5.46
CA ALA A 140 23.29 -0.68 -4.71
C ALA A 140 23.67 -2.00 -4.02
N ASP A 141 23.13 -2.28 -2.83
CA ASP A 141 23.15 -3.64 -2.26
C ASP A 141 22.33 -4.55 -3.20
N VAL A 142 22.91 -5.64 -3.70
CA VAL A 142 22.20 -6.57 -4.60
C VAL A 142 21.86 -7.83 -3.80
N VAL A 143 20.61 -8.22 -3.82
CA VAL A 143 20.17 -9.47 -3.16
C VAL A 143 19.57 -10.38 -4.22
N ILE A 144 20.24 -11.48 -4.48
CA ILE A 144 19.86 -12.46 -5.53
C ILE A 144 18.88 -13.42 -4.88
N TYR A 145 17.78 -13.72 -5.56
CA TYR A 145 16.70 -14.64 -5.07
C TYR A 145 16.73 -15.91 -5.91
N CYS A 146 16.64 -17.06 -5.26
CA CYS A 146 16.60 -18.39 -5.92
C CYS A 146 15.64 -19.29 -5.13
N ARG A 147 15.30 -20.46 -5.67
CA ARG A 147 14.32 -21.37 -5.01
C ARG A 147 14.97 -22.72 -4.63
N ASP A 148 16.05 -23.09 -5.31
CA ASP A 148 16.70 -24.43 -5.15
C ASP A 148 17.80 -24.38 -4.10
N LYS A 149 17.85 -25.34 -3.17
CA LYS A 149 18.88 -25.41 -2.10
C LYS A 149 20.31 -25.54 -2.67
N GLU A 150 20.54 -26.36 -3.69
CA GLU A 150 21.89 -26.50 -4.28
C GLU A 150 22.31 -25.21 -5.01
N TRP A 151 21.36 -24.53 -5.67
CA TRP A 151 21.67 -23.22 -6.30
C TRP A 151 22.07 -22.20 -5.24
N GLU A 152 21.38 -22.15 -4.11
CA GLU A 152 21.70 -21.20 -3.02
C GLU A 152 23.17 -21.40 -2.64
N LYS A 153 23.60 -22.65 -2.44
CA LYS A 153 24.99 -22.97 -2.02
C LYS A 153 25.97 -22.50 -3.11
N LYS A 154 25.68 -22.78 -4.38
CA LYS A 154 26.59 -22.42 -5.48
C LYS A 154 26.67 -20.90 -5.67
N ILE A 155 25.54 -20.20 -5.55
CA ILE A 155 25.56 -18.72 -5.68
C ILE A 155 26.35 -18.12 -4.49
N SER A 156 26.13 -18.64 -3.28
CA SER A 156 26.81 -18.15 -2.07
C SER A 156 28.32 -18.34 -2.23
N GLU A 157 28.74 -19.50 -2.72
CA GLU A 157 30.19 -19.80 -2.96
C GLU A 157 30.76 -18.81 -3.97
N ALA A 158 30.07 -18.54 -5.08
CA ALA A 158 30.55 -17.63 -6.13
C ALA A 158 30.71 -16.22 -5.54
N ILE A 159 29.78 -15.80 -4.68
CA ILE A 159 29.87 -14.45 -4.05
C ILE A 159 31.11 -14.43 -3.14
N GLN A 160 31.25 -15.44 -2.28
CA GLN A 160 32.35 -15.49 -1.27
C GLN A 160 33.69 -15.58 -1.99
N MET A 161 33.78 -16.30 -3.12
CA MET A 161 35.05 -16.49 -3.92
C MET A 161 35.70 -15.14 -4.20
N ARG A 162 34.92 -14.13 -4.59
CA ARG A 162 35.42 -12.78 -4.96
C ARG A 162 35.76 -11.99 -3.68
N THR A 163 35.27 -12.50 -2.53
CA THR A 163 35.63 -12.22 -1.10
C THR A 163 34.36 -11.76 -0.39
N GLY B 1 17.81 -4.22 29.40
CA GLY B 1 16.36 -4.43 29.72
C GLY B 1 15.57 -3.14 29.65
N ALA B 2 14.25 -3.24 29.81
CA ALA B 2 13.32 -2.10 29.81
C ALA B 2 13.49 -1.36 31.14
N MET B 3 13.30 -0.03 31.18
CA MET B 3 13.62 0.76 32.40
C MET B 3 12.64 0.38 33.53
N ALA B 4 11.41 0.02 33.18
CA ALA B 4 10.42 -0.55 34.12
C ALA B 4 9.78 -1.76 33.43
N PRO B 5 10.43 -2.94 33.51
CA PRO B 5 9.92 -4.13 32.83
C PRO B 5 8.39 -4.29 33.03
N SER B 6 7.69 -4.49 31.92
CA SER B 6 6.20 -4.59 31.90
C SER B 6 5.75 -5.81 31.08
N TYR B 7 4.51 -6.17 31.31
CA TYR B 7 3.68 -7.02 30.41
C TYR B 7 2.55 -6.16 29.81
N ARG B 8 2.32 -6.32 28.52
CA ARG B 8 1.20 -5.68 27.77
C ARG B 8 0.57 -6.72 26.84
N VAL B 9 -0.68 -6.49 26.43
CA VAL B 9 -1.39 -7.38 25.47
C VAL B 9 -1.89 -6.52 24.30
N LYS B 10 -1.74 -7.03 23.08
CA LYS B 10 -2.22 -6.40 21.82
C LYS B 10 -3.03 -7.44 21.04
N ARG B 11 -4.22 -7.06 20.58
CA ARG B 11 -5.07 -7.95 19.74
C ARG B 11 -4.83 -7.61 18.27
N MET B 12 -3.87 -8.28 17.61
CA MET B 12 -3.49 -8.06 16.18
C MET B 12 -2.53 -9.16 15.73
N ASP B 13 -2.22 -9.16 14.43
CA ASP B 13 -1.23 -10.03 13.73
C ASP B 13 0.15 -9.73 14.31
N ILE B 14 0.72 -10.72 14.96
CA ILE B 14 2.06 -10.61 15.61
C ILE B 14 3.13 -10.38 14.52
N ALA B 15 2.85 -10.63 13.24
CA ALA B 15 3.79 -10.28 12.13
C ALA B 15 4.03 -8.75 12.01
N LYS B 16 3.12 -7.93 12.54
CA LYS B 16 3.18 -6.45 12.53
C LYS B 16 3.57 -5.92 13.92
N ASN B 17 4.33 -6.70 14.69
CA ASN B 17 4.80 -6.27 16.05
C ASN B 17 5.82 -5.12 15.93
N ASP B 18 5.82 -4.24 16.94
CA ASP B 18 6.77 -3.10 17.09
C ASP B 18 7.80 -3.46 18.18
N GLU B 19 8.10 -4.75 18.37
CA GLU B 19 9.11 -5.20 19.37
C GLU B 19 10.42 -5.60 18.73
N GLU B 20 11.45 -5.80 19.54
CA GLU B 20 12.83 -6.03 19.06
C GLU B 20 13.02 -7.47 18.60
N CYS B 21 12.05 -8.37 18.89
CA CYS B 21 12.08 -9.77 18.39
C CYS B 21 10.70 -10.40 18.54
N VAL B 22 10.50 -11.53 17.85
CA VAL B 22 9.19 -12.23 17.82
C VAL B 22 9.42 -13.70 18.21
N VAL B 23 8.42 -14.23 18.93
CA VAL B 23 8.30 -15.69 19.19
C VAL B 23 7.27 -16.25 18.23
N ASN B 24 7.71 -17.20 17.43
CA ASN B 24 6.83 -17.98 16.53
C ASN B 24 6.24 -19.16 17.35
N ALA B 25 4.97 -19.43 17.21
CA ALA B 25 4.36 -20.68 17.72
C ALA B 25 4.61 -21.75 16.66
N ALA B 26 5.81 -22.31 16.66
CA ALA B 26 6.37 -23.14 15.58
C ALA B 26 5.85 -24.59 15.65
N ASN B 27 5.98 -25.30 14.53
CA ASN B 27 5.96 -26.78 14.55
C ASN B 27 7.37 -27.33 14.59
N PRO B 28 7.57 -28.60 14.94
CA PRO B 28 8.92 -29.16 15.09
C PRO B 28 9.75 -29.23 13.80
N ARG B 29 9.10 -29.14 12.63
CA ARG B 29 9.77 -29.46 11.35
C ARG B 29 10.10 -28.18 10.60
N GLY B 30 9.76 -27.02 11.16
CA GLY B 30 9.96 -25.70 10.53
C GLY B 30 9.20 -25.59 9.23
N LEU B 31 7.97 -26.09 9.23
CA LEU B 31 7.00 -25.94 8.14
C LEU B 31 6.16 -24.69 8.34
N PRO B 32 5.51 -24.15 7.28
CA PRO B 32 4.66 -22.96 7.43
C PRO B 32 3.45 -22.97 8.39
N GLY B 33 2.77 -24.09 8.54
CA GLY B 33 1.76 -24.25 9.62
C GLY B 33 0.49 -23.42 9.51
N ASP B 34 -0.13 -23.13 10.65
CA ASP B 34 -1.44 -22.42 10.75
C ASP B 34 -1.32 -21.28 11.75
N GLY B 35 -2.36 -20.42 11.81
CA GLY B 35 -2.45 -19.29 12.75
C GLY B 35 -1.18 -18.46 12.73
N VAL B 36 -0.59 -18.22 13.91
CA VAL B 36 0.62 -17.37 14.10
C VAL B 36 1.75 -17.85 13.18
N CYS B 37 1.99 -19.16 13.10
CA CYS B 37 3.09 -19.71 12.30
C CYS B 37 2.93 -19.27 10.85
N LYS B 38 1.69 -19.29 10.33
CA LYS B 38 1.46 -18.93 8.91
C LYS B 38 1.74 -17.42 8.74
N ALA B 39 1.25 -16.61 9.66
CA ALA B 39 1.51 -15.15 9.71
C ALA B 39 3.02 -14.86 9.74
N VAL B 40 3.81 -15.63 10.51
CA VAL B 40 5.29 -15.48 10.59
C VAL B 40 5.98 -15.97 9.32
N TYR B 41 5.52 -17.06 8.71
CA TYR B 41 6.13 -17.57 7.46
C TYR B 41 5.94 -16.58 6.31
N LYS B 42 4.83 -15.83 6.33
CA LYS B 42 4.48 -14.86 5.26
C LYS B 42 5.62 -13.82 5.16
N LYS B 43 6.20 -13.43 6.31
CA LYS B 43 7.14 -12.29 6.35
C LYS B 43 8.60 -12.73 6.42
N TRP B 44 8.89 -13.77 7.21
CA TRP B 44 10.24 -14.17 7.64
C TRP B 44 10.55 -15.60 7.19
N PRO B 45 10.30 -15.97 5.91
CA PRO B 45 10.52 -17.33 5.46
C PRO B 45 11.97 -17.83 5.54
N GLU B 46 12.96 -16.97 5.26
CA GLU B 46 14.40 -17.38 5.34
C GLU B 46 14.73 -17.75 6.79
N SER B 47 13.96 -17.22 7.75
CA SER B 47 14.06 -17.59 9.19
C SER B 47 13.67 -19.05 9.41
N PHE B 48 12.89 -19.64 8.50
CA PHE B 48 12.60 -21.10 8.59
C PHE B 48 13.76 -21.94 8.07
N LYS B 49 14.88 -21.34 7.63
CA LYS B 49 16.07 -22.12 7.25
C LYS B 49 16.62 -22.80 8.49
N ASN B 50 16.56 -24.12 8.51
CA ASN B 50 17.13 -24.97 9.59
C ASN B 50 16.48 -24.56 10.92
N SER B 51 15.20 -24.21 10.90
CA SER B 51 14.46 -23.85 12.14
C SER B 51 13.89 -25.10 12.84
N ALA B 52 13.88 -26.27 12.21
CA ALA B 52 13.38 -27.51 12.86
C ALA B 52 14.02 -27.70 14.24
N THR B 53 13.21 -27.96 15.28
CA THR B 53 13.70 -28.18 16.66
C THR B 53 12.65 -29.02 17.39
N PRO B 54 13.03 -29.81 18.41
CA PRO B 54 12.10 -30.66 19.12
C PRO B 54 11.03 -29.90 19.92
N VAL B 55 9.93 -30.61 20.19
CA VAL B 55 8.91 -30.13 21.16
C VAL B 55 9.59 -29.77 22.48
N GLY B 56 9.17 -28.65 23.06
CA GLY B 56 9.68 -28.21 24.37
C GLY B 56 10.93 -27.38 24.22
N THR B 57 11.31 -27.00 23.01
CA THR B 57 12.55 -26.21 22.75
C THR B 57 12.27 -24.96 21.93
N ALA B 58 13.24 -24.04 21.95
CA ALA B 58 13.19 -22.82 21.13
C ALA B 58 14.48 -22.73 20.34
N LYS B 59 14.39 -22.33 19.07
CA LYS B 59 15.54 -22.18 18.14
C LYS B 59 15.43 -20.81 17.45
N THR B 60 16.44 -19.94 17.59
CA THR B 60 16.40 -18.56 17.04
C THR B 60 17.13 -18.54 15.72
N VAL B 61 16.47 -17.98 14.72
CA VAL B 61 17.07 -17.77 13.39
C VAL B 61 17.05 -16.28 13.12
N MET B 62 18.23 -15.71 12.85
CA MET B 62 18.40 -14.27 12.56
C MET B 62 18.03 -14.01 11.09
N CYS B 63 17.17 -13.02 10.88
CA CYS B 63 16.99 -12.32 9.58
C CYS B 63 17.82 -11.03 9.62
N GLY B 64 19.15 -11.16 9.49
CA GLY B 64 20.09 -10.04 9.62
C GLY B 64 20.19 -9.59 11.07
N THR B 65 19.42 -8.57 11.45
CA THR B 65 19.42 -7.93 12.80
C THR B 65 18.24 -8.42 13.65
N TYR B 66 17.21 -8.97 13.01
CA TYR B 66 15.90 -9.29 13.65
C TYR B 66 15.82 -10.78 14.05
N PRO B 67 15.65 -11.11 15.36
CA PRO B 67 15.55 -12.49 15.82
C PRO B 67 14.11 -13.04 15.77
N VAL B 68 13.95 -14.20 15.15
CA VAL B 68 12.69 -15.00 15.19
C VAL B 68 13.00 -16.21 16.06
N ILE B 69 12.32 -16.29 17.21
CA ILE B 69 12.49 -17.36 18.21
C ILE B 69 11.38 -18.42 17.97
N HIS B 70 11.78 -19.51 17.32
CA HIS B 70 10.81 -20.59 16.99
C HIS B 70 10.61 -21.44 18.25
N ALA B 71 9.45 -21.30 18.90
CA ALA B 71 9.12 -22.04 20.16
C ALA B 71 8.11 -23.16 19.86
N VAL B 72 8.51 -24.39 20.14
CA VAL B 72 7.65 -25.56 19.76
C VAL B 72 6.85 -26.01 21.00
N GLY B 73 5.60 -25.62 21.11
CA GLY B 73 4.69 -26.15 22.15
C GLY B 73 4.12 -27.49 21.68
N PRO B 74 3.67 -28.32 22.64
CA PRO B 74 3.15 -29.66 22.31
C PRO B 74 1.79 -29.54 21.62
N ASN B 75 1.51 -30.53 20.78
CA ASN B 75 0.16 -30.77 20.21
C ASN B 75 -0.58 -31.68 21.19
N PHE B 76 -1.57 -31.15 21.91
CA PHE B 76 -2.36 -31.90 22.92
C PHE B 76 -3.26 -32.94 22.21
N SER B 77 -3.36 -32.97 20.90
CA SER B 77 -3.98 -34.14 20.21
C SER B 77 -3.08 -35.36 20.37
N ASN B 78 -1.77 -35.18 20.58
CA ASN B 78 -0.76 -36.27 20.57
C ASN B 78 -0.21 -36.54 21.98
N TYR B 79 0.00 -35.50 22.77
CA TYR B 79 0.53 -35.60 24.16
C TYR B 79 -0.62 -35.80 25.14
N THR B 80 -0.36 -36.53 26.23
CA THR B 80 -1.27 -36.54 27.37
C THR B 80 -1.28 -35.18 28.06
N GLU B 81 -2.29 -34.95 28.89
CA GLU B 81 -2.35 -33.68 29.67
C GLU B 81 -1.07 -33.56 30.49
N SER B 82 -0.62 -34.66 31.11
CA SER B 82 0.58 -34.60 31.99
C SER B 82 1.84 -34.27 31.16
N GLU B 83 2.07 -34.98 30.07
CA GLU B 83 3.34 -34.83 29.34
C GLU B 83 3.32 -33.50 28.59
N GLY B 84 2.15 -33.12 28.08
CA GLY B 84 1.94 -31.83 27.38
C GLY B 84 2.19 -30.69 28.33
N ASP B 85 1.71 -30.76 29.57
CA ASP B 85 1.90 -29.62 30.51
C ASP B 85 3.39 -29.39 30.73
N ARG B 86 4.18 -30.46 30.82
CA ARG B 86 5.63 -30.36 31.08
C ARG B 86 6.29 -29.74 29.84
N GLU B 87 5.95 -30.19 28.64
CA GLU B 87 6.61 -29.70 27.40
C GLU B 87 6.24 -28.23 27.16
N LEU B 88 5.04 -27.82 27.52
CA LEU B 88 4.57 -26.43 27.30
C LEU B 88 5.35 -25.53 28.26
N ALA B 89 5.51 -25.92 29.52
CA ALA B 89 6.37 -25.19 30.46
C ALA B 89 7.78 -25.06 29.89
N ALA B 90 8.35 -26.14 29.37
CA ALA B 90 9.73 -26.21 28.87
C ALA B 90 9.92 -25.24 27.69
N ALA B 91 8.96 -25.20 26.77
CA ALA B 91 9.10 -24.31 25.59
C ALA B 91 9.23 -22.88 26.09
N TYR B 92 8.40 -22.48 27.03
CA TYR B 92 8.46 -21.09 27.53
C TYR B 92 9.77 -20.86 28.30
N ARG B 93 10.25 -21.82 29.07
CA ARG B 93 11.58 -21.63 29.74
C ARG B 93 12.70 -21.41 28.71
N GLU B 94 12.67 -22.11 27.57
N GLU B 94 12.65 -22.09 27.56
CA GLU B 94 13.67 -21.91 26.48
CA GLU B 94 13.67 -21.93 26.50
C GLU B 94 13.47 -20.52 25.85
C GLU B 94 13.47 -20.56 25.82
N VAL B 95 12.24 -20.06 25.70
CA VAL B 95 11.99 -18.68 25.21
C VAL B 95 12.69 -17.68 26.15
N ALA B 96 12.53 -17.81 27.47
CA ALA B 96 13.13 -16.84 28.43
C ALA B 96 14.64 -16.84 28.28
N LYS B 97 15.29 -18.01 28.18
CA LYS B 97 16.76 -18.14 27.97
C LYS B 97 17.15 -17.40 26.69
N GLU B 98 16.43 -17.60 25.59
CA GLU B 98 16.78 -16.95 24.31
C GLU B 98 16.65 -15.45 24.43
N VAL B 99 15.52 -14.95 24.93
CA VAL B 99 15.28 -13.49 25.08
C VAL B 99 16.43 -12.92 25.91
N THR B 100 16.84 -13.61 26.95
CA THR B 100 17.96 -13.13 27.84
C THR B 100 19.25 -13.10 27.01
N ARG B 101 19.55 -14.18 26.30
CA ARG B 101 20.82 -14.29 25.53
C ARG B 101 20.90 -13.18 24.48
N LEU B 102 19.80 -12.85 23.84
CA LEU B 102 19.75 -11.91 22.69
C LEU B 102 19.95 -10.47 23.21
N GLY B 103 19.63 -10.19 24.47
CA GLY B 103 19.81 -8.84 25.06
C GLY B 103 18.78 -7.84 24.59
N VAL B 104 17.68 -8.29 23.99
CA VAL B 104 16.55 -7.43 23.56
C VAL B 104 15.93 -6.77 24.79
N ASN B 105 15.33 -5.61 24.58
CA ASN B 105 14.58 -4.84 25.59
C ASN B 105 13.08 -5.12 25.47
N SER B 106 12.65 -5.78 24.37
CA SER B 106 11.23 -6.12 24.15
C SER B 106 11.11 -7.41 23.32
N VAL B 107 9.95 -8.05 23.42
CA VAL B 107 9.62 -9.31 22.70
C VAL B 107 8.10 -9.40 22.59
N ALA B 108 7.67 -9.82 21.39
CA ALA B 108 6.28 -10.15 21.01
C ALA B 108 6.14 -11.66 21.16
N ILE B 109 5.16 -12.10 21.94
N ILE B 109 5.17 -12.09 21.98
CA ILE B 109 4.99 -13.57 22.23
CA ILE B 109 4.94 -13.53 22.36
C ILE B 109 3.52 -13.94 22.13
C ILE B 109 3.48 -13.89 22.10
N PRO B 110 3.18 -15.03 21.42
CA PRO B 110 1.81 -15.54 21.36
C PRO B 110 1.61 -16.57 22.48
N LEU B 111 0.36 -17.00 22.73
CA LEU B 111 0.08 -18.11 23.70
C LEU B 111 0.24 -19.47 23.00
N LEU B 112 1.33 -20.16 23.31
CA LEU B 112 1.67 -21.46 22.75
C LEU B 112 0.58 -22.49 23.13
N SER B 113 0.32 -23.34 22.16
CA SER B 113 -0.57 -24.52 22.25
C SER B 113 -2.04 -24.11 22.47
N THR B 114 -2.46 -22.88 22.09
CA THR B 114 -3.86 -22.42 22.31
C THR B 114 -4.69 -22.49 21.00
N GLY B 115 -4.06 -22.73 19.86
CA GLY B 115 -4.77 -22.83 18.57
C GLY B 115 -4.97 -24.28 18.15
N VAL B 116 -4.50 -24.66 16.97
CA VAL B 116 -4.72 -26.04 16.45
C VAL B 116 -3.95 -27.07 17.31
N TYR B 117 -3.01 -26.70 18.18
CA TYR B 117 -2.36 -27.67 19.09
C TYR B 117 -3.11 -27.78 20.44
N SER B 118 -4.27 -27.14 20.65
CA SER B 118 -5.01 -27.15 21.94
C SER B 118 -5.72 -28.49 22.21
N GLY B 119 -5.89 -29.33 21.18
CA GLY B 119 -6.67 -30.57 21.31
C GLY B 119 -8.12 -30.27 21.60
N GLY B 120 -8.62 -29.12 21.12
CA GLY B 120 -10.02 -28.65 21.29
C GLY B 120 -10.35 -28.13 22.67
N LYS B 121 -9.38 -27.79 23.53
CA LYS B 121 -9.62 -27.29 24.89
C LYS B 121 -9.22 -25.81 24.98
N ASP B 122 -9.90 -25.05 25.82
CA ASP B 122 -9.55 -23.66 26.15
C ASP B 122 -8.32 -23.70 27.06
N ARG B 123 -7.17 -23.25 26.57
CA ARG B 123 -5.90 -23.33 27.36
C ARG B 123 -5.33 -21.93 27.65
N LEU B 124 -6.17 -20.91 27.62
CA LEU B 124 -5.66 -19.53 27.88
C LEU B 124 -4.93 -19.50 29.24
N THR B 125 -5.60 -19.92 30.31
CA THR B 125 -5.07 -19.84 31.71
C THR B 125 -3.78 -20.67 31.79
N GLN B 126 -3.84 -21.91 31.34
CA GLN B 126 -2.66 -22.82 31.34
C GLN B 126 -1.47 -22.17 30.62
N SER B 127 -1.68 -21.70 29.40
CA SER B 127 -0.58 -21.20 28.54
C SER B 127 -0.05 -19.91 29.16
N LEU B 128 -0.94 -19.02 29.60
CA LEU B 128 -0.53 -17.74 30.22
C LEU B 128 0.27 -17.99 31.51
N ASN B 129 -0.15 -18.95 32.32
CA ASN B 129 0.55 -19.35 33.58
C ASN B 129 2.00 -19.70 33.24
N HIS B 130 2.21 -20.57 32.25
CA HIS B 130 3.58 -21.02 31.87
C HIS B 130 4.38 -19.84 31.30
N LEU B 131 3.73 -18.92 30.59
CA LEU B 131 4.41 -17.74 29.99
C LEU B 131 4.93 -16.88 31.16
N PHE B 132 4.08 -16.57 32.13
CA PHE B 132 4.48 -15.79 33.32
C PHE B 132 5.61 -16.52 34.06
N THR B 133 5.45 -17.82 34.34
CA THR B 133 6.42 -18.56 35.18
C THR B 133 7.82 -18.40 34.57
N ALA B 134 7.92 -18.46 33.24
CA ALA B 134 9.20 -18.36 32.53
C ALA B 134 9.66 -16.90 32.45
N MET B 135 8.77 -15.99 32.08
CA MET B 135 9.18 -14.64 31.66
C MET B 135 9.32 -13.72 32.88
N ASP B 136 8.81 -14.09 34.06
CA ASP B 136 8.74 -13.17 35.23
C ASP B 136 10.15 -12.73 35.61
N SER B 137 11.14 -13.62 35.51
CA SER B 137 12.53 -13.31 35.95
C SER B 137 13.32 -12.55 34.87
N THR B 138 12.77 -12.32 33.66
CA THR B 138 13.45 -11.57 32.57
C THR B 138 13.10 -10.08 32.72
N ASP B 139 13.92 -9.18 32.17
CA ASP B 139 13.63 -7.73 32.27
C ASP B 139 13.20 -7.14 30.93
N ALA B 140 12.92 -7.95 29.91
CA ALA B 140 12.40 -7.43 28.63
C ALA B 140 10.96 -6.97 28.81
N ASP B 141 10.55 -5.91 28.11
CA ASP B 141 9.12 -5.59 27.98
C ASP B 141 8.47 -6.72 27.15
N VAL B 142 7.48 -7.38 27.72
CA VAL B 142 6.78 -8.49 27.02
C VAL B 142 5.43 -8.00 26.49
N VAL B 143 5.19 -8.21 25.20
CA VAL B 143 3.91 -7.89 24.53
C VAL B 143 3.30 -9.23 24.06
N ILE B 144 2.19 -9.57 24.70
CA ILE B 144 1.42 -10.82 24.42
C ILE B 144 0.42 -10.52 23.31
N TYR B 145 0.42 -11.32 22.25
CA TYR B 145 -0.48 -11.13 21.09
C TYR B 145 -1.59 -12.18 21.16
N CYS B 146 -2.81 -11.76 20.84
CA CYS B 146 -4.00 -12.63 20.67
C CYS B 146 -4.86 -12.08 19.52
N ARG B 147 -5.92 -12.80 19.14
CA ARG B 147 -6.83 -12.38 18.04
C ARG B 147 -8.26 -12.23 18.58
N ASP B 148 -8.64 -13.00 19.59
CA ASP B 148 -10.01 -13.03 20.15
C ASP B 148 -10.19 -11.88 21.14
N LYS B 149 -11.31 -11.16 21.04
CA LYS B 149 -11.63 -10.00 21.92
C LYS B 149 -11.89 -10.43 23.36
N GLU B 150 -12.53 -11.59 23.60
CA GLU B 150 -12.77 -12.09 24.98
C GLU B 150 -11.42 -12.51 25.59
N TRP B 151 -10.52 -13.07 24.77
CA TRP B 151 -9.16 -13.48 25.26
C TRP B 151 -8.35 -12.22 25.64
N GLU B 152 -8.33 -11.22 24.76
CA GLU B 152 -7.67 -9.93 25.06
C GLU B 152 -8.08 -9.44 26.46
N LYS B 153 -9.40 -9.42 26.72
CA LYS B 153 -10.00 -8.99 28.01
C LYS B 153 -9.39 -9.81 29.16
N LYS B 154 -9.40 -11.15 29.06
CA LYS B 154 -8.98 -12.04 30.16
C LYS B 154 -7.45 -11.90 30.41
N ILE B 155 -6.67 -11.76 29.35
CA ILE B 155 -5.17 -11.61 29.43
C ILE B 155 -4.89 -10.25 30.08
N SER B 156 -5.49 -9.20 29.54
CA SER B 156 -5.36 -7.84 30.12
C SER B 156 -5.73 -7.91 31.60
N GLU B 157 -6.82 -8.59 31.94
CA GLU B 157 -7.29 -8.66 33.35
C GLU B 157 -6.21 -9.33 34.19
N ALA B 158 -5.72 -10.48 33.71
CA ALA B 158 -4.70 -11.29 34.41
C ALA B 158 -3.48 -10.41 34.70
N ILE B 159 -3.02 -9.59 33.74
CA ILE B 159 -1.81 -8.72 33.90
C ILE B 159 -2.04 -7.71 35.02
N GLN B 160 -3.16 -6.98 34.96
CA GLN B 160 -3.51 -5.86 35.88
C GLN B 160 -3.63 -6.40 37.31
N MET B 161 -4.10 -7.64 37.46
CA MET B 161 -4.39 -8.29 38.76
C MET B 161 -3.14 -8.53 39.58
N ARG B 162 -1.95 -8.61 38.97
CA ARG B 162 -0.73 -9.11 39.65
C ARG B 162 0.07 -7.93 40.22
N THR B 163 -0.32 -6.72 39.85
CA THR B 163 0.41 -5.44 40.04
C THR B 163 -0.40 -4.52 40.96
N GLY C 1 -18.35 21.15 0.69
CA GLY C 1 -16.99 21.35 0.04
C GLY C 1 -16.54 22.81 0.00
N ALA C 2 -15.23 23.05 -0.05
CA ALA C 2 -14.62 24.39 -0.23
C ALA C 2 -14.98 24.91 -1.62
N MET C 3 -15.22 26.22 -1.77
CA MET C 3 -15.59 26.82 -3.08
C MET C 3 -14.48 26.63 -4.12
N ALA C 4 -13.21 26.66 -3.72
CA ALA C 4 -12.05 26.42 -4.61
C ALA C 4 -11.06 25.56 -3.84
N PRO C 5 -11.29 24.24 -3.78
CA PRO C 5 -10.47 23.34 -2.94
C PRO C 5 -8.97 23.55 -3.18
N SER C 6 -8.22 23.69 -2.10
CA SER C 6 -6.76 23.99 -2.13
C SER C 6 -5.94 23.07 -1.24
N TYR C 7 -4.63 23.12 -1.45
CA TYR C 7 -3.59 22.60 -0.54
C TYR C 7 -2.78 23.77 0.03
N ARG C 8 -2.48 23.71 1.32
CA ARG C 8 -1.59 24.68 2.00
C ARG C 8 -0.67 23.88 2.92
N VAL C 9 0.45 24.46 3.30
CA VAL C 9 1.33 23.87 4.34
C VAL C 9 1.61 24.90 5.42
N LYS C 10 1.66 24.42 6.67
CA LYS C 10 1.98 25.24 7.86
C LYS C 10 3.06 24.53 8.69
N ARG C 11 4.05 25.30 9.14
CA ARG C 11 5.05 24.83 10.13
C ARG C 11 4.56 25.23 11.53
N MET C 12 3.87 24.33 12.24
CA MET C 12 2.99 24.67 13.38
C MET C 12 2.51 23.39 14.04
N ASP C 13 2.24 23.45 15.34
CA ASP C 13 1.64 22.37 16.16
C ASP C 13 0.25 22.04 15.58
N ILE C 14 0.07 20.80 15.12
CA ILE C 14 -1.22 20.40 14.50
C ILE C 14 -2.31 20.45 15.59
N ALA C 15 -1.91 20.40 16.86
CA ALA C 15 -2.91 20.41 17.95
C ALA C 15 -3.56 21.79 18.09
N LYS C 16 -2.99 22.79 17.40
N LYS C 16 -2.99 22.82 17.44
CA LYS C 16 -3.49 24.20 17.35
CA LYS C 16 -3.59 24.19 17.39
C LYS C 16 -4.01 24.54 15.96
C LYS C 16 -4.02 24.53 15.96
N ASN C 17 -4.40 23.53 15.16
CA ASN C 17 -4.92 23.79 13.80
C ASN C 17 -6.19 24.67 13.76
N ASP C 18 -6.46 25.25 12.58
CA ASP C 18 -7.62 26.13 12.28
C ASP C 18 -8.57 25.47 11.27
N GLU C 19 -8.60 24.14 11.24
CA GLU C 19 -9.49 23.38 10.35
C GLU C 19 -10.63 22.66 11.10
N GLU C 20 -11.56 22.11 10.32
CA GLU C 20 -12.84 21.52 10.85
C GLU C 20 -12.63 20.12 11.43
N CYS C 21 -11.50 19.48 11.16
CA CYS C 21 -11.14 18.15 11.71
C CYS C 21 -9.64 17.93 11.59
N VAL C 22 -9.13 16.94 12.33
CA VAL C 22 -7.67 16.66 12.36
C VAL C 22 -7.44 15.18 12.05
N VAL C 23 -6.34 14.91 11.35
CA VAL C 23 -5.82 13.52 11.19
C VAL C 23 -4.75 13.29 12.22
N ASN C 24 -4.91 12.23 13.04
CA ASN C 24 -3.88 11.78 13.98
C ASN C 24 -2.99 10.74 13.28
N ALA C 25 -1.69 10.85 13.44
CA ALA C 25 -0.74 9.79 13.03
C ALA C 25 -0.70 8.73 14.14
N ALA C 26 -1.71 7.87 14.11
CA ALA C 26 -2.11 6.92 15.17
C ALA C 26 -1.27 5.63 15.13
N ASN C 27 -1.37 4.84 16.20
CA ASN C 27 -0.80 3.48 16.30
C ASN C 27 -1.96 2.52 16.36
N PRO C 28 -1.78 1.25 15.94
CA PRO C 28 -2.90 0.32 15.85
C PRO C 28 -3.70 0.05 17.15
N ARG C 29 -3.06 0.20 18.30
CA ARG C 29 -3.66 -0.07 19.64
C ARG C 29 -4.55 1.10 20.07
N GLY C 30 -4.29 2.30 19.53
CA GLY C 30 -5.01 3.51 19.97
C GLY C 30 -4.44 4.06 21.26
N LEU C 31 -3.12 3.96 21.43
CA LEU C 31 -2.37 4.47 22.62
C LEU C 31 -1.91 5.90 22.36
N PRO C 32 -1.72 6.71 23.42
CA PRO C 32 -1.14 8.05 23.28
C PRO C 32 0.13 8.17 22.41
N GLY C 33 0.97 7.12 22.38
CA GLY C 33 2.13 7.07 21.47
C GLY C 33 3.07 8.24 21.69
N ASP C 34 3.74 8.71 20.63
CA ASP C 34 4.68 9.86 20.68
C ASP C 34 4.50 10.73 19.44
N GLY C 35 5.33 11.75 19.29
CA GLY C 35 5.28 12.66 18.13
C GLY C 35 3.94 13.38 18.10
N VAL C 36 3.34 13.44 16.89
CA VAL C 36 2.00 14.05 16.63
C VAL C 36 0.98 13.38 17.55
N CYS C 37 1.02 12.05 17.64
CA CYS C 37 0.06 11.21 18.43
C CYS C 37 -0.01 11.67 19.90
N LYS C 38 1.13 12.08 20.51
CA LYS C 38 1.18 12.60 21.91
C LYS C 38 0.48 13.97 22.04
N ALA C 39 0.83 14.95 21.21
CA ALA C 39 0.22 16.31 21.17
C ALA C 39 -1.30 16.21 20.99
N VAL C 40 -1.73 15.28 20.13
CA VAL C 40 -3.16 15.00 19.79
C VAL C 40 -3.84 14.45 21.05
N TYR C 41 -3.17 13.53 21.75
CA TYR C 41 -3.74 12.85 22.94
C TYR C 41 -3.99 13.91 24.00
N LYS C 42 -3.08 14.87 24.14
CA LYS C 42 -3.16 15.92 25.19
C LYS C 42 -4.31 16.89 24.83
N LYS C 43 -4.48 17.22 23.55
CA LYS C 43 -5.55 18.17 23.11
C LYS C 43 -6.93 17.50 23.10
N TRP C 44 -7.02 16.26 22.61
CA TRP C 44 -8.30 15.56 22.36
C TRP C 44 -8.30 14.16 22.98
N PRO C 45 -8.06 14.01 24.30
CA PRO C 45 -7.95 12.68 24.91
C PRO C 45 -9.22 11.84 24.78
N GLU C 46 -10.40 12.47 24.79
CA GLU C 46 -11.72 11.78 24.61
C GLU C 46 -11.81 11.06 23.27
N SER C 47 -11.06 11.50 22.25
CA SER C 47 -11.06 10.87 20.92
C SER C 47 -10.33 9.52 20.93
N PHE C 48 -9.65 9.14 22.02
CA PHE C 48 -8.89 7.85 22.12
C PHE C 48 -9.73 6.71 22.72
N LYS C 49 -11.07 6.87 22.74
CA LYS C 49 -12.06 5.82 23.11
C LYS C 49 -12.42 4.92 21.92
N ASN C 50 -12.05 3.64 21.98
CA ASN C 50 -12.25 2.61 20.93
C ASN C 50 -11.74 3.13 19.58
N SER C 51 -10.60 3.82 19.61
CA SER C 51 -9.88 4.38 18.44
C SER C 51 -8.99 3.32 17.79
N ALA C 52 -8.62 2.26 18.52
CA ALA C 52 -7.79 1.17 17.93
C ALA C 52 -8.28 0.84 16.53
N THR C 53 -7.39 0.71 15.56
CA THR C 53 -7.73 0.39 14.17
C THR C 53 -6.47 -0.16 13.49
N PRO C 54 -6.59 -1.13 12.55
CA PRO C 54 -5.43 -1.79 11.97
C PRO C 54 -4.55 -0.88 11.08
N VAL C 55 -3.28 -1.27 10.94
CA VAL C 55 -2.36 -0.66 9.95
C VAL C 55 -3.08 -0.57 8.61
N GLY C 56 -2.96 0.59 7.92
CA GLY C 56 -3.55 0.77 6.59
C GLY C 56 -5.00 1.26 6.60
N THR C 57 -5.54 1.61 7.79
CA THR C 57 -6.95 2.03 7.96
C THR C 57 -7.01 3.37 8.69
N ALA C 58 -8.23 3.94 8.73
CA ALA C 58 -8.49 5.16 9.52
C ALA C 58 -9.83 4.97 10.23
N LYS C 59 -9.91 5.46 11.48
CA LYS C 59 -11.13 5.42 12.32
C LYS C 59 -11.36 6.80 12.95
N THR C 60 -12.55 7.37 12.75
CA THR C 60 -12.90 8.69 13.31
C THR C 60 -13.56 8.55 14.68
N VAL C 61 -13.03 9.23 15.67
CA VAL C 61 -13.72 9.38 16.98
C VAL C 61 -13.87 10.87 17.28
N MET C 62 -15.08 11.25 17.70
CA MET C 62 -15.40 12.65 18.09
C MET C 62 -14.79 12.97 19.46
N CYS C 63 -14.27 14.18 19.60
CA CYS C 63 -13.94 14.79 20.89
C CYS C 63 -14.95 15.95 21.04
N GLY C 64 -16.03 15.77 21.79
CA GLY C 64 -17.18 16.69 21.64
C GLY C 64 -17.85 16.52 20.30
N THR C 65 -17.83 17.53 19.40
CA THR C 65 -18.29 17.39 18.01
C THR C 65 -17.09 17.50 17.04
N TYR C 66 -15.88 17.62 17.55
CA TYR C 66 -14.66 17.87 16.72
C TYR C 66 -14.10 16.51 16.28
N PRO C 67 -14.12 16.16 14.96
CA PRO C 67 -13.67 14.84 14.53
C PRO C 67 -12.14 14.72 14.54
N VAL C 68 -11.66 13.62 15.15
CA VAL C 68 -10.25 13.17 15.10
C VAL C 68 -10.21 11.87 14.29
N ILE C 69 -9.54 11.90 13.12
CA ILE C 69 -9.44 10.77 12.19
C ILE C 69 -8.12 10.07 12.51
N HIS C 70 -8.17 8.90 13.16
CA HIS C 70 -6.94 8.20 13.58
C HIS C 70 -6.51 7.33 12.39
N ALA C 71 -5.41 7.73 11.74
CA ALA C 71 -4.89 7.11 10.50
C ALA C 71 -3.63 6.36 10.87
N VAL C 72 -3.65 5.05 10.61
CA VAL C 72 -2.51 4.20 11.02
C VAL C 72 -1.67 3.86 9.78
N GLY C 73 -0.60 4.60 9.60
CA GLY C 73 0.40 4.27 8.55
C GLY C 73 1.28 3.15 9.08
N PRO C 74 2.00 2.50 8.16
CA PRO C 74 2.95 1.45 8.55
C PRO C 74 4.19 2.03 9.22
N ASN C 75 4.74 1.27 10.17
CA ASN C 75 6.06 1.53 10.77
C ASN C 75 7.10 0.82 9.90
N PHE C 76 7.89 1.62 9.19
CA PHE C 76 8.92 1.08 8.26
C PHE C 76 10.11 0.45 8.97
N SER C 77 10.19 0.51 10.31
CA SER C 77 11.19 -0.28 11.07
C SER C 77 10.84 -1.77 10.97
N ASN C 78 9.56 -2.07 10.75
CA ASN C 78 9.02 -3.45 10.81
C ASN C 78 8.28 -3.85 9.52
N TYR C 79 8.20 -2.98 8.51
CA TYR C 79 7.58 -3.31 7.21
C TYR C 79 8.66 -3.23 6.14
N THR C 80 8.60 -4.09 5.14
CA THR C 80 9.51 -3.96 3.95
C THR C 80 9.10 -2.70 3.18
N GLU C 81 9.97 -2.24 2.30
CA GLU C 81 9.60 -1.10 1.41
C GLU C 81 8.37 -1.46 0.58
N SER C 82 8.31 -2.66 0.02
CA SER C 82 7.15 -3.08 -0.81
C SER C 82 5.85 -3.09 0.00
N GLU C 83 5.80 -3.80 1.13
CA GLU C 83 4.54 -3.97 1.88
C GLU C 83 4.15 -2.63 2.50
N GLY C 84 5.13 -1.88 2.97
CA GLY C 84 4.83 -0.59 3.61
C GLY C 84 4.30 0.41 2.62
N ASP C 85 4.81 0.41 1.39
CA ASP C 85 4.31 1.37 0.37
C ASP C 85 2.82 1.14 0.15
N ARG C 86 2.37 -0.09 0.05
CA ARG C 86 0.93 -0.37 -0.15
C ARG C 86 0.11 0.06 1.09
N GLU C 87 0.57 -0.19 2.29
CA GLU C 87 -0.20 0.14 3.52
C GLU C 87 -0.26 1.68 3.68
N LEU C 88 0.78 2.40 3.29
CA LEU C 88 0.81 3.87 3.42
C LEU C 88 -0.22 4.46 2.45
N ALA C 89 -0.23 3.96 1.20
CA ALA C 89 -1.24 4.37 0.20
C ALA C 89 -2.65 4.13 0.74
N ALA C 90 -2.88 2.96 1.40
CA ALA C 90 -4.23 2.57 1.86
C ALA C 90 -4.67 3.47 3.03
N ALA C 91 -3.78 3.80 3.95
CA ALA C 91 -4.08 4.67 5.12
C ALA C 91 -4.57 6.01 4.58
N TYR C 92 -3.90 6.57 3.58
CA TYR C 92 -4.36 7.87 3.03
C TYR C 92 -5.71 7.75 2.31
N ARG C 93 -5.95 6.66 1.57
N ARG C 93 -5.96 6.66 1.58
CA ARG C 93 -7.25 6.44 0.91
CA ARG C 93 -7.26 6.44 0.91
C ARG C 93 -8.35 6.45 1.98
C ARG C 93 -8.38 6.38 1.95
N GLU C 94 -8.11 5.79 3.11
CA GLU C 94 -9.11 5.73 4.21
C GLU C 94 -9.28 7.12 4.82
N VAL C 95 -8.25 7.96 4.87
CA VAL C 95 -8.43 9.38 5.35
C VAL C 95 -9.37 10.09 4.37
N ALA C 96 -9.18 9.97 3.05
CA ALA C 96 -10.04 10.61 2.04
C ALA C 96 -11.49 10.15 2.21
N LYS C 97 -11.71 8.87 2.45
CA LYS C 97 -13.08 8.34 2.73
C LYS C 97 -13.68 9.01 3.99
N GLU C 98 -12.92 9.09 5.07
CA GLU C 98 -13.43 9.62 6.36
C GLU C 98 -13.72 11.12 6.21
N VAL C 99 -12.81 11.88 5.56
CA VAL C 99 -13.08 13.34 5.35
C VAL C 99 -14.37 13.51 4.54
N THR C 100 -14.56 12.72 3.48
CA THR C 100 -15.75 12.77 2.60
C THR C 100 -17.00 12.45 3.44
N ARG C 101 -16.95 11.37 4.20
CA ARG C 101 -18.09 10.91 5.05
C ARG C 101 -18.49 12.05 5.99
N LEU C 102 -17.54 12.74 6.59
CA LEU C 102 -17.85 13.78 7.62
C LEU C 102 -18.47 15.04 7.00
N GLY C 103 -18.29 15.30 5.71
CA GLY C 103 -18.83 16.49 5.03
C GLY C 103 -18.09 17.76 5.38
N VAL C 104 -16.91 17.68 6.00
CA VAL C 104 -16.08 18.86 6.41
C VAL C 104 -15.58 19.63 5.18
N ASN C 105 -15.37 20.95 5.33
CA ASN C 105 -14.83 21.81 4.25
C ASN C 105 -13.30 21.93 4.37
N SER C 106 -12.71 21.42 5.44
CA SER C 106 -11.26 21.48 5.66
C SER C 106 -10.80 20.40 6.62
N VAL C 107 -9.51 20.10 6.53
CA VAL C 107 -8.83 19.04 7.30
C VAL C 107 -7.35 19.41 7.50
N ALA C 108 -6.83 19.18 8.71
CA ALA C 108 -5.45 19.33 9.11
C ALA C 108 -4.81 17.92 9.06
N ILE C 109 -3.75 17.77 8.28
N ILE C 109 -3.70 17.77 8.35
CA ILE C 109 -3.09 16.44 8.05
CA ILE C 109 -3.15 16.40 8.11
C ILE C 109 -1.60 16.55 8.32
C ILE C 109 -1.63 16.47 8.21
N PRO C 110 -1.00 15.54 8.98
CA PRO C 110 0.45 15.40 9.03
C PRO C 110 0.90 14.41 7.95
N LEU C 111 2.20 14.35 7.67
CA LEU C 111 2.71 13.36 6.67
C LEU C 111 2.91 12.02 7.40
N LEU C 112 2.07 11.07 7.09
CA LEU C 112 2.06 9.72 7.71
C LEU C 112 3.38 9.01 7.44
N SER C 113 3.83 8.24 8.42
CA SER C 113 5.03 7.38 8.37
C SER C 113 6.31 8.19 8.14
N THR C 114 6.42 9.46 8.57
CA THR C 114 7.64 10.27 8.36
C THR C 114 8.45 10.58 9.64
N GLY C 115 7.95 10.24 10.81
CA GLY C 115 8.69 10.48 12.07
C GLY C 115 9.24 9.17 12.61
N VAL C 116 8.73 8.71 13.76
CA VAL C 116 9.20 7.47 14.43
C VAL C 116 8.82 6.23 13.59
N TYR C 117 7.88 6.35 12.66
CA TYR C 117 7.46 5.23 11.77
C TYR C 117 8.27 5.27 10.45
N SER C 118 9.22 6.18 10.30
CA SER C 118 9.99 6.31 9.03
C SER C 118 11.02 5.20 8.86
N GLY C 119 11.35 4.43 9.90
CA GLY C 119 12.49 3.49 9.82
C GLY C 119 13.81 4.19 9.54
N GLY C 120 13.94 5.46 9.91
CA GLY C 120 15.15 6.30 9.73
C GLY C 120 15.40 6.79 8.31
N LYS C 121 14.42 6.73 7.39
CA LYS C 121 14.58 7.16 5.97
C LYS C 121 13.81 8.47 5.79
N ASP C 122 14.26 9.32 4.87
CA ASP C 122 13.54 10.55 4.48
C ASP C 122 12.37 10.14 3.57
N ARG C 123 11.13 10.25 4.06
CA ARG C 123 9.92 9.80 3.31
C ARG C 123 9.02 10.98 2.91
N LEU C 124 9.52 12.22 2.85
CA LEU C 124 8.70 13.38 2.45
C LEU C 124 7.99 13.13 1.11
N THR C 125 8.77 12.87 0.04
CA THR C 125 8.19 12.71 -1.32
C THR C 125 7.21 11.55 -1.33
N GLN C 126 7.60 10.39 -0.78
CA GLN C 126 6.75 9.18 -0.78
C GLN C 126 5.40 9.52 -0.09
N SER C 127 5.49 10.06 1.12
CA SER C 127 4.27 10.31 1.94
C SER C 127 3.41 11.35 1.24
N LEU C 128 4.01 12.45 0.77
CA LEU C 128 3.24 13.52 0.09
C LEU C 128 2.62 13.02 -1.20
N ASN C 129 3.34 12.19 -1.99
CA ASN C 129 2.77 11.56 -3.21
C ASN C 129 1.49 10.79 -2.84
N HIS C 130 1.53 9.94 -1.81
CA HIS C 130 0.33 9.16 -1.42
C HIS C 130 -0.79 10.11 -0.92
N LEU C 131 -0.42 11.18 -0.22
CA LEU C 131 -1.43 12.16 0.28
C LEU C 131 -2.17 12.76 -0.90
N PHE C 132 -1.45 13.22 -1.91
CA PHE C 132 -2.09 13.84 -3.11
C PHE C 132 -2.93 12.80 -3.86
N THR C 133 -2.44 11.56 -4.05
CA THR C 133 -3.17 10.52 -4.79
C THR C 133 -4.55 10.33 -4.13
N ALA C 134 -4.60 10.33 -2.79
CA ALA C 134 -5.86 10.06 -2.06
C ALA C 134 -6.74 11.32 -2.02
N MET C 135 -6.14 12.50 -1.78
CA MET C 135 -6.92 13.73 -1.46
C MET C 135 -7.29 14.53 -2.71
N ASP C 136 -6.67 14.28 -3.86
CA ASP C 136 -6.93 15.13 -5.04
C ASP C 136 -8.40 15.05 -5.42
N SER C 137 -9.09 13.91 -5.23
CA SER C 137 -10.51 13.77 -5.65
C SER C 137 -11.48 14.28 -4.56
N THR C 138 -10.97 14.79 -3.45
CA THR C 138 -11.81 15.41 -2.39
C THR C 138 -11.92 16.92 -2.62
N ASP C 139 -12.98 17.53 -2.10
CA ASP C 139 -13.24 19.00 -2.24
C ASP C 139 -12.96 19.72 -0.93
N ALA C 140 -12.32 19.10 0.05
CA ALA C 140 -11.96 19.78 1.31
C ALA C 140 -10.71 20.61 1.10
N ASP C 141 -10.60 21.77 1.75
CA ASP C 141 -9.31 22.45 1.90
C ASP C 141 -8.40 21.57 2.75
N VAL C 142 -7.24 21.23 2.26
CA VAL C 142 -6.25 20.40 2.97
C VAL C 142 -5.11 21.26 3.46
N VAL C 143 -4.83 21.24 4.75
CA VAL C 143 -3.69 21.97 5.34
C VAL C 143 -2.70 20.95 5.91
N ILE C 144 -1.50 20.90 5.38
CA ILE C 144 -0.44 19.93 5.82
C ILE C 144 0.38 20.58 6.90
N TYR C 145 0.60 19.90 8.03
CA TYR C 145 1.39 20.43 9.16
C TYR C 145 2.75 19.74 9.21
N CYS C 146 3.80 20.51 9.41
CA CYS C 146 5.18 19.97 9.59
C CYS C 146 5.88 20.78 10.68
N ARG C 147 7.08 20.32 11.07
CA ARG C 147 7.89 20.94 12.17
C ARG C 147 9.19 21.53 11.61
N ASP C 148 9.69 20.99 10.49
CA ASP C 148 11.05 21.30 9.97
C ASP C 148 10.95 22.37 8.88
N LYS C 149 11.81 23.39 8.94
CA LYS C 149 11.80 24.49 7.93
C LYS C 149 12.16 23.97 6.53
N GLU C 150 13.07 23.01 6.38
CA GLU C 150 13.44 22.47 5.03
C GLU C 150 12.25 21.69 4.43
N TRP C 151 11.54 20.96 5.27
CA TRP C 151 10.32 20.21 4.83
C TRP C 151 9.23 21.22 4.42
N GLU C 152 9.01 22.28 5.21
CA GLU C 152 7.98 23.30 4.84
C GLU C 152 8.27 23.81 3.42
N LYS C 153 9.51 24.13 3.11
CA LYS C 153 9.89 24.69 1.79
C LYS C 153 9.65 23.66 0.66
N LYS C 154 10.10 22.42 0.85
CA LYS C 154 9.93 21.33 -0.15
C LYS C 154 8.42 21.04 -0.37
N ILE C 155 7.64 20.98 0.70
CA ILE C 155 6.16 20.75 0.53
C ILE C 155 5.53 21.94 -0.20
N SER C 156 5.89 23.15 0.19
CA SER C 156 5.38 24.37 -0.46
C SER C 156 5.68 24.33 -1.96
N GLU C 157 6.90 23.97 -2.36
CA GLU C 157 7.32 23.92 -3.79
C GLU C 157 6.46 22.89 -4.51
N ALA C 158 6.27 21.73 -3.89
CA ALA C 158 5.49 20.62 -4.48
C ALA C 158 4.05 21.07 -4.75
N ILE C 159 3.43 21.80 -3.81
CA ILE C 159 2.03 22.29 -3.96
C ILE C 159 2.01 23.28 -5.13
N GLN C 160 2.94 24.23 -5.12
CA GLN C 160 2.97 25.34 -6.10
C GLN C 160 3.21 24.81 -7.52
N MET C 161 4.01 23.76 -7.64
CA MET C 161 4.46 23.15 -8.93
C MET C 161 3.28 22.55 -9.70
N ARG C 162 2.12 22.33 -9.05
CA ARG C 162 0.91 21.71 -9.67
C ARG C 162 -0.14 22.80 -9.97
N THR C 163 0.12 24.05 -9.57
CA THR C 163 -0.77 25.23 -9.78
C THR C 163 -0.09 26.19 -10.75
N PRO D 5 -34.85 17.75 -26.06
CA PRO D 5 -33.52 17.54 -26.65
C PRO D 5 -33.41 16.22 -27.43
N SER D 6 -32.41 16.15 -28.33
N SER D 6 -32.44 16.16 -28.35
CA SER D 6 -32.03 14.95 -29.11
CA SER D 6 -32.04 14.94 -29.11
C SER D 6 -30.73 14.37 -28.55
C SER D 6 -30.77 14.36 -28.48
N TYR D 7 -30.59 13.04 -28.55
CA TYR D 7 -29.42 12.34 -27.98
C TYR D 7 -28.77 11.46 -29.05
N ARG D 8 -27.44 11.54 -29.15
CA ARG D 8 -26.57 10.68 -29.98
C ARG D 8 -25.39 10.20 -29.14
N VAL D 9 -24.70 9.16 -29.61
CA VAL D 9 -23.46 8.65 -28.97
C VAL D 9 -22.40 8.54 -30.06
N LYS D 10 -21.17 8.90 -29.75
CA LYS D 10 -19.99 8.72 -30.62
C LYS D 10 -18.92 8.02 -29.80
N ARG D 11 -18.24 7.05 -30.41
CA ARG D 11 -17.04 6.39 -29.84
C ARG D 11 -15.82 7.14 -30.39
N MET D 12 -15.40 8.19 -29.69
CA MET D 12 -14.27 9.03 -30.13
C MET D 12 -13.87 9.97 -29.00
N ASP D 13 -12.69 10.56 -29.18
CA ASP D 13 -12.05 11.50 -28.22
C ASP D 13 -12.94 12.74 -28.09
N ILE D 14 -13.47 13.02 -26.90
CA ILE D 14 -14.34 14.20 -26.67
C ILE D 14 -13.56 15.49 -26.94
N ALA D 15 -12.23 15.45 -26.92
CA ALA D 15 -11.37 16.62 -27.24
C ALA D 15 -11.48 17.00 -28.73
N LYS D 16 -12.09 16.14 -29.57
CA LYS D 16 -12.29 16.38 -31.02
C LYS D 16 -13.79 16.43 -31.34
N ASN D 17 -14.61 16.83 -30.37
CA ASN D 17 -16.07 16.90 -30.57
C ASN D 17 -16.46 17.92 -31.65
N ASP D 18 -17.66 17.77 -32.19
CA ASP D 18 -18.24 18.65 -33.24
C ASP D 18 -19.40 19.43 -32.65
N GLU D 19 -19.40 19.75 -31.35
CA GLU D 19 -20.51 20.48 -30.71
C GLU D 19 -20.07 21.89 -30.25
N GLU D 20 -21.02 22.72 -29.86
CA GLU D 20 -20.77 24.16 -29.49
C GLU D 20 -20.11 24.32 -28.12
N CYS D 21 -20.07 23.27 -27.29
CA CYS D 21 -19.39 23.36 -25.99
C CYS D 21 -19.11 21.95 -25.50
N VAL D 22 -18.29 21.86 -24.47
CA VAL D 22 -17.83 20.54 -23.96
C VAL D 22 -18.05 20.52 -22.46
N VAL D 23 -18.38 19.32 -21.96
CA VAL D 23 -18.39 19.03 -20.50
C VAL D 23 -17.12 18.25 -20.15
N ASN D 24 -16.33 18.79 -19.26
CA ASN D 24 -15.14 18.11 -18.73
C ASN D 24 -15.56 17.24 -17.55
N ALA D 25 -15.08 15.99 -17.50
CA ALA D 25 -15.19 15.17 -16.26
C ALA D 25 -14.06 15.57 -15.31
N ALA D 26 -14.26 16.67 -14.59
CA ALA D 26 -13.24 17.42 -13.84
C ALA D 26 -12.99 16.81 -12.44
N ASN D 27 -11.86 17.17 -11.86
CA ASN D 27 -11.59 16.97 -10.43
C ASN D 27 -11.90 18.28 -9.71
N PRO D 28 -12.12 18.23 -8.40
CA PRO D 28 -12.52 19.44 -7.70
C PRO D 28 -11.44 20.52 -7.62
N ARG D 29 -10.19 20.16 -7.88
CA ARG D 29 -9.01 21.05 -7.66
C ARG D 29 -8.60 21.78 -8.95
N GLY D 30 -9.26 21.49 -10.06
CA GLY D 30 -8.89 22.06 -11.37
C GLY D 30 -7.53 21.58 -11.81
N LEU D 31 -7.11 20.36 -11.41
CA LEU D 31 -5.83 19.76 -11.84
C LEU D 31 -6.00 19.12 -13.21
N PRO D 32 -4.89 18.98 -13.99
CA PRO D 32 -4.92 18.34 -15.29
C PRO D 32 -5.49 16.91 -15.28
N GLY D 33 -5.20 16.14 -14.21
CA GLY D 33 -5.79 14.81 -14.01
C GLY D 33 -5.34 13.77 -15.01
N ASP D 34 -6.27 12.87 -15.33
CA ASP D 34 -6.06 11.72 -16.27
C ASP D 34 -7.37 11.47 -17.02
N GLY D 35 -7.32 10.61 -18.03
CA GLY D 35 -8.49 10.27 -18.85
C GLY D 35 -9.03 11.48 -19.60
N VAL D 36 -10.35 11.61 -19.60
CA VAL D 36 -11.08 12.74 -20.28
C VAL D 36 -10.46 14.06 -19.81
N CYS D 37 -10.26 14.23 -18.51
CA CYS D 37 -9.77 15.49 -17.92
C CYS D 37 -8.42 15.84 -18.56
N LYS D 38 -7.53 14.85 -18.74
CA LYS D 38 -6.18 15.12 -19.31
C LYS D 38 -6.32 15.53 -20.77
N ALA D 39 -7.23 14.93 -21.53
CA ALA D 39 -7.43 15.25 -22.97
C ALA D 39 -7.98 16.67 -23.09
N VAL D 40 -8.87 17.04 -22.19
CA VAL D 40 -9.49 18.38 -22.13
C VAL D 40 -8.37 19.38 -21.78
N TYR D 41 -7.50 19.04 -20.82
CA TYR D 41 -6.36 19.92 -20.44
C TYR D 41 -5.44 20.13 -21.65
N LYS D 42 -5.13 19.10 -22.43
CA LYS D 42 -4.21 19.28 -23.59
C LYS D 42 -4.87 20.15 -24.66
N LYS D 43 -6.19 20.07 -24.82
CA LYS D 43 -6.92 20.74 -25.94
C LYS D 43 -7.26 22.18 -25.55
N TRP D 44 -7.72 22.42 -24.31
CA TRP D 44 -8.26 23.72 -23.86
C TRP D 44 -7.61 24.13 -22.54
N PRO D 45 -6.26 24.21 -22.46
CA PRO D 45 -5.61 24.41 -21.15
C PRO D 45 -6.02 25.76 -20.54
N GLU D 46 -6.34 26.78 -21.37
CA GLU D 46 -6.74 28.10 -20.84
C GLU D 46 -8.02 27.98 -20.00
N SER D 47 -8.84 26.95 -20.26
CA SER D 47 -10.12 26.77 -19.52
C SER D 47 -9.89 26.30 -18.08
N PHE D 48 -8.66 26.00 -17.66
CA PHE D 48 -8.38 25.55 -16.27
C PHE D 48 -8.02 26.74 -15.34
N LYS D 49 -8.14 27.98 -15.82
CA LYS D 49 -7.92 29.17 -14.96
C LYS D 49 -9.09 29.28 -13.98
N ASN D 50 -8.83 29.05 -12.68
CA ASN D 50 -9.86 29.12 -11.63
C ASN D 50 -11.02 28.19 -11.98
N SER D 51 -10.72 26.97 -12.41
CA SER D 51 -11.79 25.97 -12.72
C SER D 51 -12.13 25.13 -11.47
N ALA D 52 -11.38 25.21 -10.39
CA ALA D 52 -11.64 24.43 -9.15
C ALA D 52 -13.09 24.71 -8.70
N THR D 53 -13.81 23.66 -8.29
CA THR D 53 -15.23 23.79 -7.89
C THR D 53 -15.57 22.54 -7.10
N PRO D 54 -16.55 22.59 -6.18
CA PRO D 54 -16.79 21.44 -5.34
C PRO D 54 -17.47 20.28 -6.10
N VAL D 55 -17.42 19.12 -5.46
CA VAL D 55 -18.19 17.94 -5.96
C VAL D 55 -19.66 18.31 -6.09
N GLY D 56 -20.31 17.80 -7.14
CA GLY D 56 -21.73 18.06 -7.42
C GLY D 56 -22.00 19.39 -8.06
N THR D 57 -20.97 20.12 -8.52
CA THR D 57 -21.13 21.45 -9.15
C THR D 57 -20.54 21.45 -10.55
N ALA D 58 -20.93 22.47 -11.31
CA ALA D 58 -20.31 22.72 -12.63
C ALA D 58 -19.84 24.17 -12.69
N LYS D 59 -18.69 24.39 -13.30
CA LYS D 59 -18.14 25.76 -13.46
C LYS D 59 -17.65 25.90 -14.89
N THR D 60 -18.17 26.92 -15.59
CA THR D 60 -17.87 27.13 -17.02
C THR D 60 -16.74 28.14 -17.12
N VAL D 61 -15.70 27.80 -17.86
CA VAL D 61 -14.57 28.71 -18.19
C VAL D 61 -14.36 28.65 -19.70
N MET D 62 -14.23 29.82 -20.32
CA MET D 62 -14.06 29.97 -21.78
C MET D 62 -12.61 29.68 -22.17
N CYS D 63 -12.41 28.98 -23.29
CA CYS D 63 -11.10 28.87 -23.96
C CYS D 63 -11.30 29.62 -25.29
N GLY D 64 -10.82 30.85 -25.38
CA GLY D 64 -11.27 31.73 -26.48
C GLY D 64 -12.73 32.05 -26.28
N THR D 65 -13.61 31.65 -27.22
CA THR D 65 -15.07 31.75 -27.06
C THR D 65 -15.71 30.37 -26.89
N TYR D 66 -14.92 29.32 -26.76
CA TYR D 66 -15.43 27.94 -26.66
C TYR D 66 -15.63 27.61 -25.18
N PRO D 67 -16.89 27.32 -24.74
CA PRO D 67 -17.14 27.04 -23.33
C PRO D 67 -16.77 25.61 -22.92
N VAL D 68 -16.04 25.52 -21.81
CA VAL D 68 -15.68 24.23 -21.18
C VAL D 68 -16.41 24.22 -19.84
N ILE D 69 -17.36 23.30 -19.69
CA ILE D 69 -18.22 23.20 -18.50
C ILE D 69 -17.56 22.15 -17.62
N HIS D 70 -16.80 22.55 -16.60
CA HIS D 70 -16.11 21.60 -15.70
C HIS D 70 -17.13 21.04 -14.71
N ALA D 71 -17.49 19.76 -14.82
CA ALA D 71 -18.52 19.15 -13.95
C ALA D 71 -17.82 18.13 -13.05
N VAL D 72 -18.01 18.25 -11.73
CA VAL D 72 -17.27 17.40 -10.77
C VAL D 72 -18.20 16.29 -10.23
N GLY D 73 -18.08 15.11 -10.81
CA GLY D 73 -18.83 13.95 -10.28
C GLY D 73 -18.13 13.45 -9.04
N PRO D 74 -18.85 12.69 -8.19
CA PRO D 74 -18.24 12.14 -7.02
C PRO D 74 -17.30 10.98 -7.35
N ASN D 75 -16.25 10.85 -6.55
CA ASN D 75 -15.39 9.64 -6.55
C ASN D 75 -16.01 8.59 -5.62
N PHE D 76 -16.57 7.53 -6.20
CA PHE D 76 -17.23 6.49 -5.39
C PHE D 76 -16.23 5.67 -4.56
N SER D 77 -14.91 5.81 -4.72
CA SER D 77 -13.95 5.35 -3.68
C SER D 77 -14.12 6.07 -2.35
N ASN D 78 -14.62 7.32 -2.37
CA ASN D 78 -14.66 8.19 -1.17
C ASN D 78 -16.08 8.25 -0.62
N TYR D 79 -17.09 8.28 -1.50
CA TYR D 79 -18.52 8.49 -1.16
C TYR D 79 -19.19 7.13 -0.99
N THR D 80 -20.14 7.07 -0.07
CA THR D 80 -21.11 5.94 -0.05
C THR D 80 -21.94 5.90 -1.31
N GLU D 81 -22.57 4.75 -1.60
CA GLU D 81 -23.50 4.70 -2.75
C GLU D 81 -24.60 5.76 -2.62
N SER D 82 -25.17 5.92 -1.42
CA SER D 82 -26.30 6.84 -1.18
C SER D 82 -25.83 8.29 -1.41
N GLU D 83 -24.76 8.73 -0.77
CA GLU D 83 -24.37 10.16 -0.86
C GLU D 83 -23.83 10.45 -2.28
N GLY D 84 -23.11 9.50 -2.85
CA GLY D 84 -22.56 9.60 -4.23
C GLY D 84 -23.66 9.73 -5.25
N ASP D 85 -24.74 8.93 -5.12
CA ASP D 85 -25.86 9.02 -6.06
C ASP D 85 -26.42 10.45 -6.11
N ARG D 86 -26.58 11.09 -4.97
CA ARG D 86 -27.13 12.46 -4.83
C ARG D 86 -26.15 13.43 -5.54
N GLU D 87 -24.85 13.28 -5.31
CA GLU D 87 -23.84 14.21 -5.90
C GLU D 87 -23.76 14.00 -7.41
N LEU D 88 -23.94 12.79 -7.91
CA LEU D 88 -23.87 12.54 -9.36
C LEU D 88 -25.08 13.19 -10.04
N ALA D 89 -26.30 13.02 -9.49
CA ALA D 89 -27.51 13.73 -9.95
C ALA D 89 -27.27 15.24 -9.99
N ALA D 90 -26.66 15.80 -8.93
CA ALA D 90 -26.45 17.26 -8.76
C ALA D 90 -25.46 17.77 -9.82
N ALA D 91 -24.39 17.03 -10.07
CA ALA D 91 -23.40 17.45 -11.10
C ALA D 91 -24.11 17.61 -12.46
N TYR D 92 -24.92 16.65 -12.86
CA TYR D 92 -25.64 16.73 -14.15
C TYR D 92 -26.68 17.85 -14.15
N ARG D 93 -27.43 18.02 -13.05
CA ARG D 93 -28.39 19.15 -12.86
C ARG D 93 -27.67 20.48 -13.14
N GLU D 94 -26.47 20.67 -12.57
CA GLU D 94 -25.70 21.93 -12.74
C GLU D 94 -25.17 22.06 -14.18
N VAL D 95 -24.78 20.98 -14.84
CA VAL D 95 -24.44 20.96 -16.30
C VAL D 95 -25.65 21.49 -17.10
N ALA D 96 -26.85 20.94 -16.88
CA ALA D 96 -28.05 21.33 -17.66
C ALA D 96 -28.30 22.84 -17.50
N LYS D 97 -28.16 23.36 -16.28
CA LYS D 97 -28.40 24.79 -15.96
C LYS D 97 -27.42 25.66 -16.76
N GLU D 98 -26.15 25.23 -16.85
CA GLU D 98 -25.11 25.96 -17.65
C GLU D 98 -25.42 25.88 -19.15
N VAL D 99 -25.77 24.71 -19.67
CA VAL D 99 -26.13 24.56 -21.10
C VAL D 99 -27.25 25.54 -21.45
N THR D 100 -28.32 25.58 -20.65
CA THR D 100 -29.47 26.50 -20.88
C THR D 100 -28.96 27.94 -20.85
N ARG D 101 -28.21 28.31 -19.80
CA ARG D 101 -27.76 29.71 -19.57
C ARG D 101 -26.89 30.19 -20.75
N LEU D 102 -26.03 29.31 -21.29
CA LEU D 102 -25.11 29.64 -22.40
C LEU D 102 -25.89 29.79 -23.72
N GLY D 103 -27.06 29.18 -23.84
CA GLY D 103 -27.92 29.29 -25.03
C GLY D 103 -27.36 28.51 -26.21
N VAL D 104 -26.48 27.54 -25.95
CA VAL D 104 -25.88 26.73 -27.04
C VAL D 104 -26.93 25.84 -27.72
N ASN D 105 -26.64 25.40 -28.94
CA ASN D 105 -27.48 24.46 -29.72
C ASN D 105 -27.07 23.02 -29.45
N SER D 106 -25.84 22.77 -29.03
CA SER D 106 -25.29 21.40 -28.89
C SER D 106 -24.24 21.36 -27.77
N VAL D 107 -24.07 20.18 -27.17
CA VAL D 107 -23.09 19.96 -26.08
C VAL D 107 -22.55 18.54 -26.22
N ALA D 108 -21.24 18.39 -26.07
CA ALA D 108 -20.49 17.13 -25.97
C ALA D 108 -20.37 16.79 -24.48
N ILE D 109 -20.76 15.57 -24.08
N ILE D 109 -20.82 15.59 -24.09
CA ILE D 109 -20.81 15.19 -22.64
CA ILE D 109 -20.82 15.15 -22.66
C ILE D 109 -20.31 13.76 -22.46
C ILE D 109 -20.22 13.75 -22.53
N PRO D 110 -19.40 13.52 -21.49
CA PRO D 110 -18.98 12.18 -21.13
C PRO D 110 -19.82 11.65 -19.96
N LEU D 111 -19.77 10.34 -19.71
CA LEU D 111 -20.52 9.75 -18.56
C LEU D 111 -19.71 9.95 -17.28
N LEU D 112 -20.16 10.89 -16.46
CA LEU D 112 -19.45 11.27 -15.23
C LEU D 112 -19.36 10.07 -14.27
N SER D 113 -18.27 9.94 -13.58
CA SER D 113 -18.03 8.97 -12.49
C SER D 113 -18.01 7.51 -13.00
N THR D 114 -17.72 7.27 -14.29
CA THR D 114 -17.72 5.87 -14.85
C THR D 114 -16.31 5.32 -15.07
N GLY D 115 -15.26 6.11 -14.87
CA GLY D 115 -13.86 5.69 -15.01
C GLY D 115 -13.20 5.58 -13.65
N VAL D 116 -12.12 6.32 -13.40
CA VAL D 116 -11.36 6.17 -12.13
C VAL D 116 -12.16 6.69 -10.93
N TYR D 117 -13.30 7.37 -11.12
CA TYR D 117 -14.21 7.74 -9.99
C TYR D 117 -15.29 6.68 -9.78
N SER D 118 -15.24 5.53 -10.47
CA SER D 118 -16.35 4.52 -10.42
C SER D 118 -16.27 3.63 -9.18
N GLY D 119 -15.17 3.65 -8.43
CA GLY D 119 -14.97 2.78 -7.26
C GLY D 119 -14.96 1.32 -7.68
N GLY D 120 -14.49 1.03 -8.91
CA GLY D 120 -14.34 -0.32 -9.49
C GLY D 120 -15.66 -0.94 -9.93
N LYS D 121 -16.74 -0.18 -10.00
CA LYS D 121 -18.10 -0.68 -10.34
C LYS D 121 -18.47 -0.18 -11.73
N ASP D 122 -19.32 -0.94 -12.43
CA ASP D 122 -19.90 -0.57 -13.74
C ASP D 122 -21.07 0.36 -13.47
N ARG D 123 -20.92 1.66 -13.79
CA ARG D 123 -21.93 2.72 -13.56
C ARG D 123 -22.48 3.30 -14.88
N LEU D 124 -22.42 2.56 -15.99
CA LEU D 124 -23.01 3.04 -17.27
C LEU D 124 -24.49 3.43 -17.09
N THR D 125 -25.37 2.51 -16.62
CA THR D 125 -26.82 2.79 -16.48
C THR D 125 -27.10 3.93 -15.49
N GLN D 126 -26.44 3.90 -14.35
CA GLN D 126 -26.59 4.90 -13.28
C GLN D 126 -26.22 6.29 -13.83
N SER D 127 -25.05 6.39 -14.40
CA SER D 127 -24.57 7.72 -14.93
C SER D 127 -25.47 8.20 -16.08
N LEU D 128 -25.78 7.32 -17.04
CA LEU D 128 -26.65 7.68 -18.18
C LEU D 128 -28.05 8.05 -17.68
N ASN D 129 -28.60 7.41 -16.64
CA ASN D 129 -29.95 7.79 -16.15
C ASN D 129 -29.94 9.21 -15.58
N HIS D 130 -28.93 9.60 -14.80
CA HIS D 130 -28.85 10.98 -14.27
C HIS D 130 -28.64 12.00 -15.41
N LEU D 131 -27.86 11.62 -16.41
CA LEU D 131 -27.65 12.43 -17.64
C LEU D 131 -29.01 12.73 -18.30
N PHE D 132 -29.82 11.71 -18.61
CA PHE D 132 -31.11 11.91 -19.31
C PHE D 132 -32.03 12.77 -18.43
N THR D 133 -32.07 12.48 -17.12
CA THR D 133 -32.97 13.23 -16.21
C THR D 133 -32.66 14.73 -16.26
N ALA D 134 -31.39 15.09 -16.22
CA ALA D 134 -31.00 16.52 -16.19
C ALA D 134 -31.16 17.11 -17.58
N MET D 135 -30.67 16.43 -18.61
CA MET D 135 -30.54 17.05 -19.96
C MET D 135 -31.91 17.09 -20.63
N ASP D 136 -32.89 16.27 -20.18
CA ASP D 136 -34.27 16.34 -20.75
C ASP D 136 -34.86 17.74 -20.52
N SER D 137 -34.36 18.52 -19.56
CA SER D 137 -34.90 19.86 -19.25
C SER D 137 -34.32 20.92 -20.20
N THR D 138 -33.37 20.56 -21.07
CA THR D 138 -32.78 21.50 -22.07
C THR D 138 -33.40 21.26 -23.46
N ASP D 139 -33.09 22.11 -24.44
CA ASP D 139 -33.52 21.85 -25.86
C ASP D 139 -32.29 21.67 -26.76
N ALA D 140 -31.11 21.37 -26.19
CA ALA D 140 -29.85 21.19 -26.95
C ALA D 140 -29.78 19.80 -27.55
N ASP D 141 -29.10 19.67 -28.70
CA ASP D 141 -28.59 18.38 -29.18
C ASP D 141 -27.50 17.94 -28.22
N VAL D 142 -27.66 16.75 -27.64
CA VAL D 142 -26.66 16.19 -26.70
C VAL D 142 -25.94 15.06 -27.39
N VAL D 143 -24.62 15.10 -27.40
CA VAL D 143 -23.77 14.06 -28.00
C VAL D 143 -22.89 13.49 -26.89
N ILE D 144 -23.17 12.23 -26.54
CA ILE D 144 -22.44 11.47 -25.50
C ILE D 144 -21.21 10.85 -26.13
N TYR D 145 -20.05 11.03 -25.51
CA TYR D 145 -18.75 10.48 -25.97
C TYR D 145 -18.37 9.31 -25.05
N CYS D 146 -17.94 8.16 -25.63
CA CYS D 146 -17.43 6.96 -24.91
C CYS D 146 -16.23 6.42 -25.68
N ARG D 147 -15.49 5.48 -25.07
CA ARG D 147 -14.21 4.90 -25.58
C ARG D 147 -14.43 3.48 -26.11
N ASP D 148 -15.42 2.75 -25.59
CA ASP D 148 -15.55 1.28 -25.77
C ASP D 148 -16.75 0.96 -26.66
N LYS D 149 -16.63 -0.09 -27.49
CA LYS D 149 -17.70 -0.51 -28.44
C LYS D 149 -18.90 -1.08 -27.70
N GLU D 150 -18.68 -1.87 -26.64
CA GLU D 150 -19.83 -2.45 -25.90
C GLU D 150 -20.58 -1.31 -25.18
N TRP D 151 -19.84 -0.33 -24.66
CA TRP D 151 -20.44 0.88 -24.02
C TRP D 151 -21.19 1.68 -25.06
N GLU D 152 -20.59 1.89 -26.25
CA GLU D 152 -21.28 2.57 -27.38
C GLU D 152 -22.61 1.87 -27.68
N LYS D 153 -22.60 0.55 -27.80
CA LYS D 153 -23.81 -0.24 -28.18
C LYS D 153 -24.87 -0.07 -27.08
N LYS D 154 -24.46 -0.22 -25.81
CA LYS D 154 -25.35 -0.13 -24.63
C LYS D 154 -25.94 1.28 -24.53
N ILE D 155 -25.11 2.33 -24.70
CA ILE D 155 -25.64 3.72 -24.65
C ILE D 155 -26.65 3.90 -25.80
N SER D 156 -26.30 3.47 -27.01
CA SER D 156 -27.15 3.55 -28.22
C SER D 156 -28.51 2.87 -27.98
N GLU D 157 -28.49 1.65 -27.43
CA GLU D 157 -29.72 0.89 -27.07
C GLU D 157 -30.54 1.68 -26.06
N ALA D 158 -29.91 2.27 -25.05
CA ALA D 158 -30.63 3.08 -24.03
C ALA D 158 -31.31 4.28 -24.70
N ILE D 159 -30.65 4.91 -25.69
CA ILE D 159 -31.24 6.08 -26.41
C ILE D 159 -32.45 5.59 -27.21
N GLN D 160 -32.28 4.48 -27.93
CA GLN D 160 -33.34 3.88 -28.79
C GLN D 160 -34.57 3.57 -27.93
N MET D 161 -34.37 2.90 -26.80
CA MET D 161 -35.47 2.30 -25.99
C MET D 161 -36.30 3.36 -25.26
N ARG D 162 -35.93 4.65 -25.30
CA ARG D 162 -36.75 5.76 -24.70
C ARG D 162 -37.60 6.45 -25.77
N THR D 163 -37.31 6.25 -27.06
CA THR D 163 -37.91 7.08 -28.15
C THR D 163 -39.36 6.64 -28.39
S DMS E . -1.86 -8.06 -2.45
O DMS E . -1.52 -6.86 -3.29
C1 DMS E . -0.48 -9.16 -2.61
C2 DMS E . -3.02 -9.01 -3.40
S DMS F . 8.90 -16.53 -17.53
O DMS F . 7.74 -15.60 -17.77
C1 DMS F . 10.30 -15.75 -18.29
C2 DMS F . 8.71 -17.85 -18.69
S DMS G . 16.04 -24.33 -10.81
O DMS G . 16.55 -23.13 -11.56
C1 DMS G . 17.39 -24.91 -9.83
C2 DMS G . 16.04 -25.66 -12.00
C TRS H . 17.55 -5.70 -28.76
C1 TRS H . 18.49 -5.47 -27.57
C2 TRS H . 16.25 -4.90 -28.61
C3 TRS H . 18.23 -5.35 -30.08
N TRS H . 17.17 -7.15 -28.78
O1 TRS H . 19.68 -6.28 -27.64
O2 TRS H . 16.42 -3.49 -28.65
O3 TRS H . 17.63 -6.04 -31.18
S DMS I . 9.52 4.79 -14.00
O DMS I . 10.82 5.06 -13.29
C1 DMS I . 9.91 4.73 -15.73
C2 DMS I . 8.62 6.33 -14.02
S DMS J . 13.60 -17.52 -13.31
O DMS J . 12.61 -16.44 -13.03
C1 DMS J . 12.76 -19.05 -13.01
C2 DMS J . 14.69 -17.58 -11.90
S DMS K . 24.83 -14.76 1.58
O DMS K . 25.04 -14.04 2.89
C1 DMS K . 24.84 -16.49 1.96
C2 DMS K . 26.39 -14.69 0.72
CL CL L . 13.40 -17.96 -17.01
CL CL M . 16.62 -21.59 -8.38
CL CL N . 9.01 -18.11 0.51
S DMS O . 12.26 -21.50 1.05
O DMS O . 11.93 -21.22 -0.43
C1 DMS O . 11.59 -20.12 1.98
C2 DMS O . 11.09 -22.73 1.62
S DMS P . -1.01 1.82 -4.57
O DMS P . 0.19 1.43 -3.72
C1 DMS P . -2.28 0.65 -4.25
C2 DMS P . -0.64 1.30 -6.24
S DMS Q . -2.23 -20.03 17.68
O DMS Q . -0.81 -20.04 18.27
C1 DMS Q . -2.18 -18.87 16.43
C2 DMS Q . -3.23 -19.08 18.80
S DMS R . 1.02 -24.31 14.09
O DMS R . 2.02 -24.76 13.06
C1 DMS R . 1.79 -24.60 15.68
C2 DMS R . -0.06 -25.69 14.15
S DMS S . -8.97 -19.32 20.18
O DMS S . -7.48 -19.43 20.40
C1 DMS S . -9.54 -17.96 21.15
C2 DMS S . -9.74 -20.61 21.13
CL CL T . -6.62 -15.65 20.45
CL CL U . -1.23 -23.70 18.49
N1 A1AQI V . -6.70 -13.56 36.82
C4 A1AQI V . -3.85 -15.35 36.06
C5 A1AQI V . -2.51 -15.73 36.08
C6 A1AQI V . -2.08 -16.70 35.19
C7 A1AQI V . -2.96 -17.28 34.29
C8 A1AQI V . -4.30 -16.91 34.25
N A1AQI V . -5.97 -15.31 35.37
C A1AQI V . -7.70 -17.00 34.86
C1 A1AQI V . -7.24 -15.56 34.66
C2 A1AQI V . -7.14 -15.19 33.19
C3 A1AQI V . -5.76 -14.39 36.38
C9 A1AQI V . -4.72 -15.95 35.15
N2 A1AQI V . -4.52 -14.40 36.83
S DMS W . 4.73 12.19 11.82
O DMS W . 3.39 11.71 11.36
C1 DMS W . 4.73 13.95 11.61
C2 DMS W . 4.69 12.16 13.60
CL CL X . 8.58 17.79 9.56
CL CL Y . -2.95 -4.16 12.74
CL CL Z . 5.29 8.66 12.24
S DMS AA . -6.23 20.92 26.86
O DMS AA . -7.16 19.83 26.34
C1 DMS AA . -5.42 21.63 25.47
C2 DMS AA . -4.83 20.08 27.59
S DMS BA . 3.52 6.92 16.26
O DMS BA . 2.43 6.86 15.21
C1 DMS BA . 2.67 6.89 17.84
C2 DMS BA . 4.10 8.59 16.30
N1 A1AQI CA . 2.60 18.85 17.74
C4 A1AQI CA . 3.26 18.33 14.40
C5 A1AQI CA . 3.03 18.24 13.02
C6 A1AQI CA . 4.01 17.67 12.22
C7 A1AQI CA . 5.21 17.22 12.76
C8 A1AQI CA . 5.45 17.31 14.13
N A1AQI CA . 4.33 18.04 16.31
C A1AQI CA . 6.48 18.47 17.47
C1 A1AQI CA . 5.27 17.55 17.35
C2 A1AQI CA . 5.67 16.11 17.10
C3 A1AQI CA . 3.07 18.58 16.52
C9 A1AQI CA . 4.46 17.86 14.93
N2 A1AQI CA . 2.41 18.77 15.41
S DMS DA . -15.15 8.63 -17.35
O DMS DA . -13.65 8.43 -17.50
C1 DMS DA . -15.82 8.42 -18.99
C2 DMS DA . -15.37 10.40 -17.21
C TRS EA . -22.55 20.30 -2.56
C1 TRS EA . -22.60 20.58 -1.06
C2 TRS EA . -23.86 19.61 -2.97
C3 TRS EA . -22.35 21.58 -3.38
N TRS EA . -21.42 19.34 -2.81
O1 TRS EA . -22.57 19.37 -0.31
O2 TRS EA . -23.90 19.32 -4.37
O3 TRS EA . -21.42 22.49 -2.81
S DMS FA . -3.84 21.60 -29.25
O DMS FA . -4.85 20.47 -29.30
C1 DMS FA . -2.46 20.99 -28.30
C2 DMS FA . -4.42 22.86 -28.10
S DMS GA . -10.44 12.44 -12.95
O DMS GA . -9.48 13.57 -13.24
C1 DMS GA . -10.42 11.29 -14.30
C2 DMS GA . -12.12 13.02 -13.07
S DMS HA . -18.89 32.32 -18.07
O DMS HA . -19.66 31.42 -19.02
C1 DMS HA . -17.23 31.74 -18.14
C2 DMS HA . -19.29 31.76 -16.42
CL CL IA . -14.50 9.27 -13.90
N1 A1AQI JA . -10.08 11.04 -25.26
C4 A1AQI JA . -13.18 10.03 -24.12
C5 A1AQI JA . -14.57 10.00 -23.97
C6 A1AQI JA . -15.12 9.05 -23.12
C7 A1AQI JA . -14.31 8.15 -22.43
C8 A1AQI JA . -12.93 8.16 -22.58
N A1AQI JA . -11.07 9.41 -23.83
C A1AQI JA . -9.67 7.36 -23.79
C1 A1AQI JA . -9.83 8.80 -23.31
C2 A1AQI JA . -9.73 8.94 -21.81
C3 A1AQI JA . -11.16 10.49 -24.68
C9 A1AQI JA . -12.39 9.11 -23.44
N2 A1AQI JA . -12.39 10.89 -24.89
#